data_4MRR
#
_entry.id   4MRR
#
_cell.length_a   322.763
_cell.length_b   95.947
_cell.length_c   81.133
_cell.angle_alpha   90.00
_cell.angle_beta   101.78
_cell.angle_gamma   90.00
#
_symmetry.space_group_name_H-M   'C 1 2 1'
#
loop_
_entity.id
_entity.type
_entity.pdbx_description
1 polymer 'ABC transporter related protein'
2 non-polymer 'LAURYL DIMETHYLAMINE-N-OXIDE'
3 non-polymer SELENOMETHIONINE
4 non-polymer 'PHOSPHATE ION'
#
_entity_poly.entity_id   1
_entity_poly.type   'polypeptide(L)'
_entity_poly.pdbx_seq_one_letter_code
;(MSE)PPETATNPKDARHDGWQTLKRFLPYLWPADNAVLRRRVVGAIL(MSE)VLLGKATTLALPFAYKKAVDA(MSE)T
LGGGAQPALTVALAFVLAYALGRFSGVLFDNLRNIVFERVGQDATRHLAENVFARLHKLSLRFHLARRTGEVTKVIERGT
KSIDT(MSE)LYFLLFNIAPTVIELTAVIVIFWLNFGLGLVTATILAVIAYVWTTRTITEWRTHLREK(MSE)NRLDGQA
LARAVDSLLNYETVKYFGAESREEARYASAARAYADAAVKSENSLGLLNIAQALIVNLL(MSE)AGA(MSE)AWTVYGWS
QGKLTVGDLVFVNTYLTQLFRPLD(MSE)LG(MSE)VYRTIRQGLID(MSE)AE(MSE)FRLIDTHIEVADVPNAPALVV
NRPSVTFDNVVFGYDRDREILHGLSFEVAAGSRVAIVGPSGAGKSTIARLLFRFYDPWEGRILIDGQDIAHVTQTSLRAA
LGIVPQDSVLFNDTIGYNIAYGRDGASRAEVDAAAKGAAIADFIARLPQGYDTEVGERGLKLSGGEKQRVAIARTLVKNP
PILLFDEATSALDTRTEQDILST(MSE)RAVASHRTTISIAHRLSTIADSDTILVLDQGRLAEQGSHLDLLRRDGLYAE
(MSE)WARQAAESAEVSEAAEHHHHHH
;
_entity_poly.pdbx_strand_id   A,B
#
loop_
_chem_comp.id
_chem_comp.type
_chem_comp.name
_chem_comp.formula
LDA non-polymer 'LAURYL DIMETHYLAMINE-N-OXIDE' 'C14 H31 N O'
PO4 non-polymer 'PHOSPHATE ION' 'O4 P -3'
#
# COMPACT_ATOMS: atom_id res chain seq x y z
N ASN A 8 -30.74 26.20 -1.39
CA ASN A 8 -29.53 25.64 -0.78
C ASN A 8 -29.38 24.14 -1.07
N PRO A 9 -28.33 23.78 -1.82
CA PRO A 9 -28.08 22.40 -2.29
C PRO A 9 -27.90 21.39 -1.15
N LYS A 10 -27.42 21.85 0.01
CA LYS A 10 -27.21 20.96 1.16
C LYS A 10 -28.54 20.53 1.80
N ASP A 11 -29.60 21.29 1.54
CA ASP A 11 -30.93 20.92 1.99
C ASP A 11 -31.60 19.99 0.97
N ALA A 12 -31.14 18.74 0.91
CA ALA A 12 -31.68 17.74 0.00
C ALA A 12 -31.40 16.33 0.49
N ARG A 13 -31.88 15.34 -0.26
CA ARG A 13 -31.60 13.93 0.03
C ARG A 13 -30.10 13.65 -0.17
N HIS A 14 -29.51 12.80 0.69
CA HIS A 14 -28.07 12.49 0.65
C HIS A 14 -27.74 11.33 -0.30
N ASP A 15 -27.99 11.52 -1.59
CA ASP A 15 -27.75 10.46 -2.56
C ASP A 15 -26.69 10.87 -3.59
N GLY A 16 -26.49 10.02 -4.61
CA GLY A 16 -25.47 10.27 -5.62
C GLY A 16 -25.65 11.59 -6.31
N TRP A 17 -26.89 11.94 -6.59
CA TRP A 17 -27.18 13.15 -7.33
C TRP A 17 -26.67 14.36 -6.59
N GLN A 18 -26.82 14.36 -5.28
CA GLN A 18 -26.41 15.51 -4.50
C GLN A 18 -24.89 15.65 -4.55
N THR A 19 -24.20 14.51 -4.47
CA THR A 19 -22.75 14.51 -4.53
C THR A 19 -22.33 15.16 -5.84
N LEU A 20 -22.86 14.64 -6.95
CA LEU A 20 -22.48 15.16 -8.26
C LEU A 20 -22.82 16.62 -8.45
N LYS A 21 -23.97 17.06 -7.95
CA LYS A 21 -24.32 18.47 -8.04
C LYS A 21 -23.29 19.31 -7.26
N ARG A 22 -22.78 18.77 -6.13
CA ARG A 22 -21.72 19.45 -5.39
C ARG A 22 -20.41 19.48 -6.17
N PHE A 23 -20.12 18.41 -6.92
CA PHE A 23 -18.86 18.37 -7.64
C PHE A 23 -18.87 19.22 -8.91
N LEU A 24 -20.06 19.47 -9.44
CA LEU A 24 -20.18 20.14 -10.75
C LEU A 24 -19.52 21.53 -10.82
N PRO A 25 -19.61 22.34 -9.74
CA PRO A 25 -18.92 23.63 -9.81
C PRO A 25 -17.43 23.48 -10.07
N TYR A 26 -16.84 22.35 -9.70
CA TYR A 26 -15.41 22.17 -9.93
C TYR A 26 -15.16 21.97 -11.42
N LEU A 27 -16.13 21.46 -12.16
CA LEU A 27 -15.99 21.28 -13.60
C LEU A 27 -16.33 22.55 -14.38
N TRP A 28 -17.16 23.40 -13.79
CA TRP A 28 -17.53 24.66 -14.44
C TRP A 28 -17.20 25.85 -13.54
N PRO A 29 -15.89 26.15 -13.40
CA PRO A 29 -15.32 27.06 -12.41
C PRO A 29 -15.90 28.47 -12.38
N ALA A 30 -15.99 29.12 -13.54
CA ALA A 30 -16.33 30.56 -13.65
C ALA A 30 -15.20 31.44 -13.14
N ASP A 31 -14.15 30.80 -12.63
CA ASP A 31 -12.96 31.47 -12.08
C ASP A 31 -11.77 31.36 -13.06
N ASN A 32 -11.82 30.35 -13.91
CA ASN A 32 -10.74 30.04 -14.85
C ASN A 32 -11.04 30.46 -16.29
N ALA A 33 -12.22 30.08 -16.79
CA ALA A 33 -12.68 30.35 -18.17
C ALA A 33 -11.88 29.61 -19.22
N VAL A 34 -10.60 29.33 -18.94
CA VAL A 34 -9.75 28.55 -19.82
C VAL A 34 -10.31 27.13 -19.82
N LEU A 35 -10.52 26.61 -18.61
CA LEU A 35 -11.05 25.28 -18.47
C LEU A 35 -12.49 25.23 -18.94
N ARG A 36 -13.22 26.33 -18.84
CA ARG A 36 -14.58 26.32 -19.39
C ARG A 36 -14.50 26.07 -20.89
N ARG A 37 -13.57 26.76 -21.55
CA ARG A 37 -13.34 26.52 -22.97
C ARG A 37 -12.99 25.06 -23.22
N ARG A 38 -12.14 24.49 -22.37
CA ARG A 38 -11.76 23.09 -22.52
C ARG A 38 -12.98 22.16 -22.35
N VAL A 39 -13.90 22.52 -21.46
CA VAL A 39 -15.10 21.73 -21.26
C VAL A 39 -15.97 21.78 -22.51
N VAL A 40 -16.20 22.99 -23.04
CA VAL A 40 -17.01 23.12 -24.23
C VAL A 40 -16.37 22.36 -25.38
N GLY A 41 -15.06 22.55 -25.57
CA GLY A 41 -14.34 21.85 -26.62
C GLY A 41 -14.54 20.36 -26.53
N ALA A 42 -14.45 19.85 -25.31
CA ALA A 42 -14.61 18.41 -25.08
C ALA A 42 -16.02 17.93 -25.44
N ILE A 43 -17.04 18.68 -25.03
CA ILE A 43 -18.42 18.31 -25.33
C ILE A 43 -18.65 18.31 -26.85
N LEU A 44 -18.06 19.29 -27.53
CA LEU A 44 -18.11 19.34 -29.00
C LEU A 44 -17.42 18.14 -29.66
N MSE A 45 -16.33 17.65 -29.07
CA MSE A 45 -15.67 16.45 -29.58
C MSE A 45 -16.49 15.19 -29.34
O MSE A 45 -16.37 14.19 -30.06
CB MSE A 45 -14.31 16.26 -28.92
CG MSE A 45 -13.39 17.44 -28.96
SE MSE A 45 -12.80 17.83 -30.77
CE MSE A 45 -12.59 16.02 -31.43
N VAL A 46 -17.29 15.24 -28.28
CA VAL A 46 -18.21 14.15 -27.97
C VAL A 46 -19.27 14.09 -29.04
N LEU A 47 -19.83 15.26 -29.33
CA LEU A 47 -20.88 15.38 -30.32
C LEU A 47 -20.35 15.00 -31.70
N LEU A 48 -19.15 15.46 -32.06
CA LEU A 48 -18.55 15.05 -33.33
C LEU A 48 -18.33 13.55 -33.40
N GLY A 49 -17.82 12.97 -32.31
CA GLY A 49 -17.55 11.54 -32.26
C GLY A 49 -18.82 10.72 -32.47
N LYS A 50 -19.91 11.16 -31.84
CA LYS A 50 -21.20 10.48 -32.00
C LYS A 50 -21.75 10.67 -33.42
N ALA A 51 -21.67 11.90 -33.91
CA ALA A 51 -22.11 12.19 -35.27
C ALA A 51 -21.42 11.23 -36.20
N THR A 52 -20.10 11.12 -36.04
CA THR A 52 -19.29 10.26 -36.89
C THR A 52 -19.69 8.80 -36.76
N THR A 53 -19.76 8.27 -35.54
CA THR A 53 -20.00 6.83 -35.43
C THR A 53 -21.42 6.47 -35.81
N LEU A 54 -22.34 7.44 -35.77
CA LEU A 54 -23.72 7.21 -36.22
C LEU A 54 -23.87 7.35 -37.76
N ALA A 55 -23.01 8.20 -38.33
CA ALA A 55 -22.99 8.48 -39.75
C ALA A 55 -22.39 7.34 -40.54
N LEU A 56 -21.25 6.85 -40.08
CA LEU A 56 -20.52 5.83 -40.85
C LEU A 56 -21.28 4.53 -41.20
N PRO A 57 -22.25 4.09 -40.38
CA PRO A 57 -22.90 2.85 -40.84
C PRO A 57 -23.88 3.06 -42.01
N PHE A 58 -24.38 4.28 -42.18
CA PHE A 58 -25.13 4.59 -43.37
C PHE A 58 -24.21 4.49 -44.58
N ALA A 59 -22.95 4.92 -44.44
CA ALA A 59 -22.03 4.80 -45.56
C ALA A 59 -21.84 3.32 -45.89
N TYR A 60 -21.94 2.46 -44.86
CA TYR A 60 -21.83 1.04 -45.12
C TYR A 60 -23.05 0.55 -45.88
N LYS A 61 -24.23 0.95 -45.42
CA LYS A 61 -25.50 0.55 -46.04
C LYS A 61 -25.56 0.97 -47.50
N LYS A 62 -25.21 2.22 -47.75
CA LYS A 62 -25.21 2.76 -49.10
C LYS A 62 -24.28 1.97 -50.01
N ALA A 63 -23.13 1.55 -49.50
CA ALA A 63 -22.20 0.75 -50.31
C ALA A 63 -22.83 -0.59 -50.67
N VAL A 64 -23.62 -1.14 -49.76
CA VAL A 64 -24.28 -2.41 -50.00
C VAL A 64 -25.38 -2.24 -51.01
N ASP A 65 -26.18 -1.19 -50.85
CA ASP A 65 -27.29 -0.90 -51.75
C ASP A 65 -26.79 -0.75 -53.20
N ALA A 66 -25.74 0.04 -53.37
CA ALA A 66 -25.17 0.30 -54.69
C ALA A 66 -24.74 -0.97 -55.41
N MSE A 67 -24.58 -2.05 -54.67
CA MSE A 67 -24.11 -3.29 -55.26
C MSE A 67 -25.25 -4.26 -55.45
O MSE A 67 -25.05 -5.33 -56.01
CB MSE A 67 -23.03 -3.95 -54.38
CG MSE A 67 -21.75 -3.13 -54.15
SE MSE A 67 -20.55 -4.01 -52.84
CE MSE A 67 -21.86 -4.21 -51.45
N THR A 68 -26.44 -3.92 -54.94
CA THR A 68 -27.60 -4.82 -55.09
C THR A 68 -28.80 -4.17 -55.82
N LEU A 69 -28.83 -2.84 -55.82
CA LEU A 69 -29.75 -2.06 -56.62
C LEU A 69 -28.90 -1.11 -57.44
N GLY A 70 -28.17 -1.67 -58.40
CA GLY A 70 -27.37 -0.87 -59.31
C GLY A 70 -28.19 -0.31 -60.46
N GLY A 71 -29.44 0.08 -60.15
CA GLY A 71 -30.37 0.62 -61.15
C GLY A 71 -30.14 2.08 -61.43
N GLY A 72 -29.89 2.86 -60.38
CA GLY A 72 -29.60 4.27 -60.55
C GLY A 72 -28.39 4.66 -59.73
N ALA A 73 -27.66 3.66 -59.26
CA ALA A 73 -26.44 3.86 -58.51
C ALA A 73 -25.25 3.43 -59.38
N GLN A 74 -24.96 4.23 -60.40
CA GLN A 74 -24.01 3.85 -61.45
C GLN A 74 -22.98 4.94 -61.81
N PRO A 75 -21.76 4.53 -62.18
CA PRO A 75 -21.32 3.13 -62.21
C PRO A 75 -21.26 2.57 -60.77
N ALA A 76 -21.87 1.40 -60.54
CA ALA A 76 -21.96 0.83 -59.19
C ALA A 76 -20.58 0.67 -58.53
N LEU A 77 -19.56 0.29 -59.31
CA LEU A 77 -18.22 0.21 -58.80
C LEU A 77 -17.86 1.53 -58.12
N THR A 78 -17.93 2.64 -58.85
CA THR A 78 -17.55 3.94 -58.29
C THR A 78 -18.38 4.34 -57.05
N VAL A 79 -19.70 4.13 -57.10
CA VAL A 79 -20.53 4.49 -55.96
C VAL A 79 -20.15 3.69 -54.69
N ALA A 80 -19.97 2.38 -54.87
CA ALA A 80 -19.59 1.50 -53.76
C ALA A 80 -18.20 1.83 -53.21
N LEU A 81 -17.22 2.02 -54.09
CA LEU A 81 -15.90 2.41 -53.64
C LEU A 81 -15.97 3.67 -52.81
N ALA A 82 -16.64 4.69 -53.34
CA ALA A 82 -16.81 5.94 -52.61
C ALA A 82 -17.39 5.71 -51.20
N PHE A 83 -18.43 4.89 -51.09
CA PHE A 83 -19.05 4.71 -49.78
C PHE A 83 -18.19 3.86 -48.82
N VAL A 84 -17.48 2.87 -49.36
CA VAL A 84 -16.60 2.05 -48.55
C VAL A 84 -15.46 2.91 -47.96
N LEU A 85 -14.83 3.73 -48.80
CA LEU A 85 -13.80 4.63 -48.30
C LEU A 85 -14.38 5.62 -47.31
N ALA A 86 -15.62 6.06 -47.56
CA ALA A 86 -16.28 6.94 -46.60
C ALA A 86 -16.34 6.31 -45.21
N TYR A 87 -16.70 5.03 -45.19
CA TYR A 87 -16.83 4.24 -43.94
C TYR A 87 -15.50 4.07 -43.20
N ALA A 88 -14.46 3.65 -43.92
CA ALA A 88 -13.15 3.50 -43.30
C ALA A 88 -12.69 4.83 -42.67
N LEU A 89 -12.76 5.88 -43.47
CA LEU A 89 -12.40 7.21 -42.99
C LEU A 89 -13.26 7.61 -41.78
N GLY A 90 -14.50 7.15 -41.77
CA GLY A 90 -15.41 7.41 -40.67
C GLY A 90 -14.94 6.80 -39.37
N ARG A 91 -14.58 5.51 -39.43
CA ARG A 91 -14.05 4.81 -38.27
C ARG A 91 -12.85 5.52 -37.67
N PHE A 92 -11.86 5.79 -38.53
CA PHE A 92 -10.66 6.47 -38.07
C PHE A 92 -11.04 7.79 -37.41
N SER A 93 -11.96 8.52 -38.02
CA SER A 93 -12.33 9.83 -37.49
C SER A 93 -13.05 9.77 -36.14
N GLY A 94 -13.92 8.78 -35.95
CA GLY A 94 -14.62 8.56 -34.68
C GLY A 94 -13.63 8.30 -33.57
N VAL A 95 -12.65 7.44 -33.85
CA VAL A 95 -11.55 7.24 -32.90
C VAL A 95 -10.88 8.56 -32.56
N LEU A 96 -10.48 9.30 -33.60
CA LEU A 96 -9.74 10.55 -33.41
C LEU A 96 -10.50 11.55 -32.56
N PHE A 97 -11.79 11.70 -32.83
CA PHE A 97 -12.60 12.62 -32.05
C PHE A 97 -12.64 12.14 -30.62
N ASP A 98 -12.76 10.83 -30.41
CA ASP A 98 -12.77 10.30 -29.03
C ASP A 98 -11.48 10.59 -28.22
N ASN A 99 -10.32 10.26 -28.80
CA ASN A 99 -9.07 10.52 -28.11
C ASN A 99 -8.83 12.02 -27.94
N LEU A 100 -9.32 12.83 -28.87
CA LEU A 100 -9.20 14.28 -28.70
C LEU A 100 -10.05 14.77 -27.56
N ARG A 101 -11.24 14.18 -27.37
CA ARG A 101 -12.05 14.61 -26.23
C ARG A 101 -11.44 14.11 -24.90
N ASN A 102 -10.85 12.91 -24.92
CA ASN A 102 -10.11 12.40 -23.74
C ASN A 102 -8.96 13.32 -23.35
N ILE A 103 -8.05 13.53 -24.29
CA ILE A 103 -6.93 14.40 -24.08
C ILE A 103 -7.38 15.77 -23.59
N VAL A 104 -8.33 16.39 -24.27
CA VAL A 104 -8.73 17.73 -23.88
C VAL A 104 -9.32 17.76 -22.48
N PHE A 105 -10.11 16.75 -22.15
CA PHE A 105 -10.85 16.81 -20.90
C PHE A 105 -9.99 16.39 -19.72
N GLU A 106 -8.92 15.65 -19.99
CA GLU A 106 -8.01 15.19 -18.95
C GLU A 106 -7.61 16.34 -18.06
N ARG A 107 -7.19 17.45 -18.67
CA ARG A 107 -6.79 18.62 -17.92
C ARG A 107 -7.93 19.14 -17.04
N VAL A 108 -9.15 19.06 -17.57
CA VAL A 108 -10.31 19.50 -16.82
C VAL A 108 -10.50 18.63 -15.58
N GLY A 109 -10.46 17.32 -15.76
CA GLY A 109 -10.59 16.37 -14.67
C GLY A 109 -9.54 16.51 -13.59
N GLN A 110 -8.27 16.55 -14.02
CA GLN A 110 -7.18 16.67 -13.10
C GLN A 110 -7.31 17.96 -12.33
N ASP A 111 -7.64 19.07 -12.99
CA ASP A 111 -7.76 20.32 -12.25
C ASP A 111 -8.92 20.27 -11.26
N ALA A 112 -10.05 19.72 -11.68
CA ALA A 112 -11.22 19.66 -10.82
C ALA A 112 -10.94 18.87 -9.54
N THR A 113 -10.51 17.61 -9.70
CA THR A 113 -10.25 16.78 -8.53
C THR A 113 -9.09 17.37 -7.73
N ARG A 114 -8.20 18.09 -8.39
CA ARG A 114 -7.13 18.73 -7.65
C ARG A 114 -7.68 19.78 -6.71
N HIS A 115 -8.56 20.65 -7.20
CA HIS A 115 -9.13 21.69 -6.33
C HIS A 115 -9.99 21.11 -5.19
N LEU A 116 -10.74 20.06 -5.50
CA LEU A 116 -11.48 19.38 -4.43
C LEU A 116 -10.49 18.92 -3.34
N ALA A 117 -9.43 18.24 -3.77
CA ALA A 117 -8.41 17.78 -2.83
C ALA A 117 -7.83 18.94 -2.03
N GLU A 118 -7.52 20.04 -2.70
CA GLU A 118 -7.00 21.21 -2.02
C GLU A 118 -7.94 21.78 -0.94
N ASN A 119 -9.22 21.89 -1.27
CA ASN A 119 -10.24 22.34 -0.33
C ASN A 119 -10.32 21.44 0.90
N VAL A 120 -10.33 20.12 0.65
CA VAL A 120 -10.43 19.19 1.76
C VAL A 120 -9.21 19.27 2.67
N PHE A 121 -8.03 19.42 2.06
CA PHE A 121 -6.78 19.56 2.79
C PHE A 121 -6.87 20.78 3.71
N ALA A 122 -7.23 21.93 3.13
CA ALA A 122 -7.37 23.17 3.90
C ALA A 122 -8.32 22.99 5.07
N ARG A 123 -9.49 22.42 4.79
CA ARG A 123 -10.48 22.25 5.84
C ARG A 123 -9.93 21.36 6.95
N LEU A 124 -9.31 20.26 6.57
CA LEU A 124 -8.74 19.35 7.56
C LEU A 124 -7.76 20.07 8.49
N HIS A 125 -7.07 21.06 7.94
CA HIS A 125 -6.16 21.89 8.73
C HIS A 125 -6.90 22.94 9.54
N LYS A 126 -8.16 23.21 9.18
CA LYS A 126 -9.00 24.09 10.02
C LYS A 126 -9.72 23.36 11.17
N LEU A 127 -9.95 22.06 11.05
CA LEU A 127 -10.77 21.39 12.05
C LEU A 127 -10.04 21.24 13.40
N SER A 128 -10.77 20.90 14.47
CA SER A 128 -10.19 20.88 15.82
C SER A 128 -9.35 19.63 16.05
N LEU A 129 -8.32 19.79 16.90
CA LEU A 129 -7.37 18.74 17.20
C LEU A 129 -8.02 17.43 17.67
N ARG A 130 -9.20 17.54 18.30
CA ARG A 130 -9.80 16.41 19.02
C ARG A 130 -10.10 15.19 18.13
N PHE A 131 -9.86 15.35 16.82
CA PHE A 131 -9.99 14.25 15.89
C PHE A 131 -8.75 13.32 15.91
N HIS A 132 -7.69 13.76 16.61
CA HIS A 132 -6.40 13.06 16.78
C HIS A 132 -5.90 12.41 15.49
N LEU A 133 -5.67 13.20 14.45
CA LEU A 133 -5.20 12.68 13.16
C LEU A 133 -3.72 12.28 13.22
N ALA A 134 -3.33 11.57 14.28
CA ALA A 134 -1.98 10.99 14.39
C ALA A 134 -2.16 9.47 14.55
N ARG A 135 -1.95 8.78 13.42
CA ARG A 135 -2.24 7.35 13.27
C ARG A 135 -1.13 6.66 12.44
N ARG A 136 -1.52 5.80 11.50
CA ARG A 136 -0.53 5.08 10.68
C ARG A 136 -0.38 5.64 9.27
N THR A 137 0.88 5.87 8.87
CA THR A 137 1.20 6.38 7.54
C THR A 137 0.77 5.41 6.44
N GLY A 138 1.15 4.13 6.59
CA GLY A 138 0.86 3.12 5.58
C GLY A 138 -0.62 2.87 5.38
N GLU A 139 -1.38 2.85 6.47
CA GLU A 139 -2.82 2.63 6.40
C GLU A 139 -3.53 3.81 5.74
N VAL A 140 -3.31 5.00 6.29
CA VAL A 140 -3.92 6.21 5.76
C VAL A 140 -3.58 6.38 4.28
N THR A 141 -2.32 6.11 3.93
CA THR A 141 -1.89 6.23 2.53
C THR A 141 -2.54 5.18 1.62
N LYS A 142 -2.75 3.97 2.13
CA LYS A 142 -3.43 2.93 1.36
C LYS A 142 -4.88 3.37 1.14
N VAL A 143 -5.48 3.98 2.18
CA VAL A 143 -6.85 4.52 2.11
C VAL A 143 -7.02 5.68 1.10
N ILE A 144 -6.20 6.71 1.23
CA ILE A 144 -6.27 7.86 0.34
C ILE A 144 -5.91 7.49 -1.10
N GLU A 145 -4.91 6.63 -1.27
CA GLU A 145 -4.61 6.08 -2.59
C GLU A 145 -5.83 5.40 -3.18
N ARG A 146 -6.45 4.56 -2.34
CA ARG A 146 -7.60 3.78 -2.75
C ARG A 146 -8.72 4.70 -3.21
N GLY A 147 -9.01 5.72 -2.38
CA GLY A 147 -10.06 6.69 -2.64
C GLY A 147 -9.81 7.54 -3.86
N THR A 148 -8.56 7.94 -4.06
CA THR A 148 -8.19 8.73 -5.23
C THR A 148 -8.39 7.92 -6.49
N LYS A 149 -7.91 6.68 -6.49
CA LYS A 149 -8.10 5.79 -7.62
C LYS A 149 -9.62 5.64 -7.88
N SER A 150 -10.37 5.54 -6.79
CA SER A 150 -11.81 5.37 -6.85
C SER A 150 -12.55 6.54 -7.50
N ILE A 151 -12.36 7.73 -6.94
CA ILE A 151 -13.01 8.92 -7.44
C ILE A 151 -12.59 9.20 -8.87
N ASP A 152 -11.30 9.01 -9.18
CA ASP A 152 -10.86 9.22 -10.55
C ASP A 152 -11.55 8.27 -11.51
N THR A 153 -11.57 6.99 -11.17
CA THR A 153 -12.21 6.01 -12.03
C THR A 153 -13.69 6.30 -12.24
N MSE A 154 -14.38 6.73 -11.19
CA MSE A 154 -15.80 7.03 -11.36
C MSE A 154 -15.93 8.26 -12.24
O MSE A 154 -16.78 8.30 -13.12
CB MSE A 154 -16.51 7.24 -10.02
CG MSE A 154 -17.85 7.95 -10.12
SE MSE A 154 -17.92 9.67 -9.25
CE MSE A 154 -17.69 10.81 -10.74
N LEU A 155 -15.06 9.23 -12.07
CA LEU A 155 -15.13 10.44 -12.86
C LEU A 155 -14.98 10.10 -14.36
N TYR A 156 -13.93 9.32 -14.65
CA TYR A 156 -13.68 8.94 -16.01
C TYR A 156 -14.84 8.16 -16.60
N PHE A 157 -15.31 7.13 -15.90
CA PHE A 157 -16.41 6.32 -16.42
C PHE A 157 -17.65 7.16 -16.64
N LEU A 158 -17.95 8.08 -15.73
CA LEU A 158 -19.15 8.90 -15.87
C LEU A 158 -19.07 9.74 -17.13
N LEU A 159 -18.01 10.53 -17.27
CA LEU A 159 -17.98 11.49 -18.38
C LEU A 159 -17.70 10.82 -19.71
N PHE A 160 -17.00 9.69 -19.69
CA PHE A 160 -16.50 9.10 -20.91
C PHE A 160 -16.97 7.67 -21.21
N ASN A 161 -18.05 7.25 -20.55
CA ASN A 161 -18.74 6.01 -20.89
C ASN A 161 -20.25 6.17 -20.80
N ILE A 162 -20.74 6.52 -19.62
CA ILE A 162 -22.17 6.69 -19.35
C ILE A 162 -22.78 7.84 -20.18
N ALA A 163 -22.12 8.99 -20.20
CA ALA A 163 -22.63 10.14 -20.94
C ALA A 163 -22.75 9.86 -22.45
N PRO A 164 -21.64 9.44 -23.10
CA PRO A 164 -21.80 9.14 -24.52
C PRO A 164 -22.79 8.00 -24.79
N THR A 165 -22.81 6.97 -23.97
CA THR A 165 -23.75 5.89 -24.20
C THR A 165 -25.20 6.36 -24.07
N VAL A 166 -25.47 7.33 -23.20
CA VAL A 166 -26.83 7.90 -23.16
C VAL A 166 -27.10 8.71 -24.46
N ILE A 167 -26.13 9.53 -24.89
CA ILE A 167 -26.29 10.24 -26.17
C ILE A 167 -26.62 9.27 -27.32
N GLU A 168 -25.76 8.29 -27.52
CA GLU A 168 -25.96 7.28 -28.54
C GLU A 168 -27.26 6.51 -28.36
N LEU A 169 -27.63 6.17 -27.13
CA LEU A 169 -28.85 5.41 -26.90
C LEU A 169 -30.08 6.20 -27.39
N THR A 170 -30.15 7.48 -27.02
CA THR A 170 -31.26 8.30 -27.51
C THR A 170 -31.21 8.47 -29.03
N ALA A 171 -30.03 8.77 -29.58
CA ALA A 171 -29.89 8.91 -31.03
C ALA A 171 -30.37 7.67 -31.77
N VAL A 172 -29.95 6.50 -31.30
CA VAL A 172 -30.38 5.25 -31.90
C VAL A 172 -31.90 5.10 -31.75
N ILE A 173 -32.48 5.47 -30.60
CA ILE A 173 -33.95 5.40 -30.49
C ILE A 173 -34.64 6.26 -31.57
N VAL A 174 -34.14 7.48 -31.74
CA VAL A 174 -34.66 8.44 -32.73
C VAL A 174 -34.60 7.86 -34.13
N ILE A 175 -33.41 7.37 -34.49
CA ILE A 175 -33.17 6.86 -35.84
C ILE A 175 -33.99 5.60 -36.13
N PHE A 176 -34.00 4.65 -35.20
CA PHE A 176 -34.85 3.47 -35.36
C PHE A 176 -36.34 3.87 -35.49
N TRP A 177 -36.76 4.87 -34.72
CA TRP A 177 -38.14 5.33 -34.77
C TRP A 177 -38.48 5.87 -36.15
N LEU A 178 -37.65 6.77 -36.67
CA LEU A 178 -37.94 7.40 -37.96
C LEU A 178 -37.80 6.42 -39.13
N ASN A 179 -36.99 5.37 -39.02
CA ASN A 179 -36.73 4.57 -40.21
C ASN A 179 -37.15 3.10 -40.18
N PHE A 180 -37.63 2.59 -39.05
CA PHE A 180 -38.07 1.19 -38.97
C PHE A 180 -39.18 1.08 -37.96
N GLY A 181 -39.53 -0.16 -37.62
CA GLY A 181 -40.29 -0.42 -36.41
C GLY A 181 -41.77 -0.15 -36.40
N LEU A 182 -42.27 0.48 -35.33
CA LEU A 182 -41.46 0.90 -34.17
C LEU A 182 -41.17 -0.29 -33.27
N GLY A 183 -41.64 -1.46 -33.68
CA GLY A 183 -41.39 -2.69 -32.94
C GLY A 183 -39.90 -2.87 -32.71
N LEU A 184 -39.08 -2.36 -33.63
CA LEU A 184 -37.65 -2.39 -33.46
C LEU A 184 -37.24 -1.58 -32.23
N VAL A 185 -37.76 -0.37 -32.13
CA VAL A 185 -37.48 0.51 -30.99
C VAL A 185 -37.87 -0.14 -29.66
N THR A 186 -39.11 -0.64 -29.56
CA THR A 186 -39.55 -1.27 -28.31
C THR A 186 -38.72 -2.51 -27.99
N ALA A 187 -38.30 -3.22 -29.03
CA ALA A 187 -37.45 -4.40 -28.84
C ALA A 187 -36.08 -4.03 -28.27
N THR A 188 -35.42 -3.03 -28.85
CA THR A 188 -34.10 -2.64 -28.36
C THR A 188 -34.17 -1.97 -26.99
N ILE A 189 -35.20 -1.16 -26.75
CA ILE A 189 -35.38 -0.56 -25.44
C ILE A 189 -35.65 -1.65 -24.38
N LEU A 190 -36.54 -2.57 -24.67
CA LEU A 190 -36.74 -3.71 -23.77
C LEU A 190 -35.41 -4.43 -23.53
N ALA A 191 -34.62 -4.59 -24.60
CA ALA A 191 -33.32 -5.25 -24.51
C ALA A 191 -32.37 -4.54 -23.54
N VAL A 192 -32.17 -3.23 -23.75
CA VAL A 192 -31.27 -2.43 -22.93
C VAL A 192 -31.74 -2.41 -21.46
N ILE A 193 -33.04 -2.27 -21.23
CA ILE A 193 -33.54 -2.36 -19.87
C ILE A 193 -33.16 -3.71 -19.24
N ALA A 194 -33.39 -4.83 -19.94
CA ALA A 194 -33.03 -6.14 -19.38
C ALA A 194 -31.53 -6.28 -19.11
N TYR A 195 -30.72 -5.74 -20.03
CA TYR A 195 -29.27 -5.81 -19.89
C TYR A 195 -28.82 -5.02 -18.65
N VAL A 196 -29.36 -3.83 -18.46
CA VAL A 196 -29.02 -3.04 -17.29
C VAL A 196 -29.52 -3.69 -15.98
N TRP A 197 -30.77 -4.11 -15.93
CA TRP A 197 -31.27 -4.72 -14.73
C TRP A 197 -30.46 -5.95 -14.36
N THR A 198 -30.23 -6.81 -15.35
CA THR A 198 -29.44 -8.03 -15.16
C THR A 198 -28.00 -7.74 -14.67
N THR A 199 -27.33 -6.81 -15.37
CA THR A 199 -25.96 -6.48 -15.02
C THR A 199 -25.89 -5.98 -13.60
N ARG A 200 -26.78 -5.06 -13.24
CA ARG A 200 -26.75 -4.50 -11.88
C ARG A 200 -27.02 -5.55 -10.79
N THR A 201 -28.09 -6.32 -10.92
CA THR A 201 -28.40 -7.30 -9.88
C THR A 201 -27.27 -8.32 -9.75
N ILE A 202 -26.74 -8.83 -10.86
CA ILE A 202 -25.62 -9.77 -10.78
C ILE A 202 -24.37 -9.14 -10.15
N THR A 203 -24.10 -7.90 -10.54
CA THR A 203 -22.95 -7.15 -10.05
C THR A 203 -22.99 -6.97 -8.55
N GLU A 204 -24.16 -6.80 -7.95
CA GLU A 204 -24.17 -6.67 -6.49
C GLU A 204 -23.57 -7.94 -5.82
N TRP A 205 -24.07 -9.09 -6.26
CA TRP A 205 -23.60 -10.39 -5.81
C TRP A 205 -22.07 -10.53 -6.04
N ARG A 206 -21.63 -10.16 -7.24
CA ARG A 206 -20.22 -10.25 -7.58
C ARG A 206 -19.32 -9.36 -6.71
N THR A 207 -19.84 -8.19 -6.33
CA THR A 207 -19.07 -7.28 -5.49
C THR A 207 -18.91 -7.89 -4.09
N HIS A 208 -19.98 -8.52 -3.59
CA HIS A 208 -19.88 -9.27 -2.33
C HIS A 208 -18.76 -10.34 -2.37
N LEU A 209 -18.80 -11.17 -3.41
CA LEU A 209 -17.78 -12.21 -3.59
C LEU A 209 -16.35 -11.66 -3.69
N ARG A 210 -16.22 -10.53 -4.39
CA ARG A 210 -14.97 -9.84 -4.61
C ARG A 210 -14.37 -9.38 -3.28
N GLU A 211 -15.21 -8.79 -2.44
CA GLU A 211 -14.75 -8.35 -1.13
C GLU A 211 -14.25 -9.54 -0.30
N LYS A 212 -14.99 -10.64 -0.31
CA LYS A 212 -14.52 -11.85 0.42
C LYS A 212 -13.16 -12.37 -0.06
N MSE A 213 -12.99 -12.41 -1.38
CA MSE A 213 -11.73 -12.84 -1.99
C MSE A 213 -10.58 -11.91 -1.57
O MSE A 213 -9.46 -12.35 -1.25
CB MSE A 213 -11.90 -12.88 -3.50
CG MSE A 213 -10.66 -13.16 -4.29
SE MSE A 213 -10.86 -12.44 -6.10
CE MSE A 213 -9.21 -13.06 -6.91
N ASN A 214 -10.86 -10.62 -1.52
CA ASN A 214 -9.82 -9.67 -1.14
C ASN A 214 -9.44 -9.84 0.35
N ARG A 215 -10.43 -10.07 1.22
CA ARG A 215 -10.17 -10.35 2.65
C ARG A 215 -9.28 -11.59 2.82
N LEU A 216 -9.64 -12.68 2.13
CA LEU A 216 -8.83 -13.89 2.23
C LEU A 216 -7.39 -13.70 1.73
N ASP A 217 -7.25 -12.97 0.62
CA ASP A 217 -5.94 -12.66 0.07
C ASP A 217 -5.09 -11.95 1.11
N GLY A 218 -5.68 -10.91 1.70
CA GLY A 218 -5.01 -10.16 2.73
C GLY A 218 -4.51 -11.07 3.82
N GLN A 219 -5.37 -12.00 4.24
CA GLN A 219 -5.00 -12.92 5.32
C GLN A 219 -3.82 -13.85 4.94
N ALA A 220 -3.82 -14.37 3.71
CA ALA A 220 -2.74 -15.27 3.28
C ALA A 220 -1.40 -14.53 3.21
N LEU A 221 -1.44 -13.38 2.53
CA LEU A 221 -0.28 -12.53 2.36
C LEU A 221 0.29 -12.17 3.71
N ALA A 222 -0.60 -11.77 4.62
CA ALA A 222 -0.21 -11.41 5.98
C ALA A 222 0.48 -12.55 6.65
N ARG A 223 -0.05 -13.76 6.47
CA ARG A 223 0.61 -14.91 7.09
C ARG A 223 2.03 -15.10 6.61
N ALA A 224 2.18 -15.09 5.28
CA ALA A 224 3.49 -15.24 4.66
C ALA A 224 4.48 -14.16 5.13
N VAL A 225 4.01 -12.93 5.14
CA VAL A 225 4.86 -11.81 5.48
C VAL A 225 5.29 -11.89 6.91
N ASP A 226 4.36 -12.24 7.80
CA ASP A 226 4.69 -12.31 9.23
C ASP A 226 5.71 -13.41 9.49
N SER A 227 5.62 -14.49 8.73
CA SER A 227 6.59 -15.58 8.80
C SER A 227 8.00 -15.17 8.27
N LEU A 228 8.04 -14.38 7.22
CA LEU A 228 9.31 -13.98 6.63
C LEU A 228 10.06 -12.97 7.51
N LEU A 229 9.36 -11.98 8.04
CA LEU A 229 10.00 -10.96 8.85
C LEU A 229 10.50 -11.57 10.16
N ASN A 230 10.06 -12.80 10.43
CA ASN A 230 10.48 -13.50 11.62
C ASN A 230 11.29 -14.76 11.29
N TYR A 231 12.12 -14.69 10.26
CA TYR A 231 12.92 -15.84 9.86
C TYR A 231 13.71 -16.45 11.02
N GLU A 232 14.39 -15.62 11.80
CA GLU A 232 15.18 -16.11 12.94
C GLU A 232 14.38 -16.95 13.89
N THR A 233 13.23 -16.40 14.31
CA THR A 233 12.40 -17.07 15.31
C THR A 233 11.87 -18.40 14.78
N VAL A 234 11.45 -18.41 13.51
CA VAL A 234 11.01 -19.63 12.85
C VAL A 234 12.14 -20.67 12.82
N LYS A 235 13.38 -20.20 12.61
CA LYS A 235 14.58 -21.05 12.68
C LYS A 235 14.86 -21.61 14.08
N TYR A 236 14.80 -20.73 15.07
CA TYR A 236 15.09 -21.07 16.45
C TYR A 236 14.20 -22.22 16.92
N PHE A 237 12.95 -22.23 16.50
CA PHE A 237 12.05 -23.26 17.01
C PHE A 237 11.63 -24.26 15.96
N GLY A 238 12.45 -24.35 14.90
CA GLY A 238 12.30 -25.32 13.82
C GLY A 238 10.90 -25.39 13.23
N ALA A 239 10.26 -24.25 13.09
CA ALA A 239 8.84 -24.19 12.75
C ALA A 239 8.59 -24.00 11.23
N GLU A 240 9.54 -24.44 10.41
CA GLU A 240 9.40 -24.32 8.97
C GLU A 240 8.16 -25.02 8.45
N SER A 241 8.05 -26.32 8.68
CA SER A 241 6.88 -27.06 8.23
C SER A 241 5.60 -26.40 8.73
N ARG A 242 5.62 -25.97 9.99
CA ARG A 242 4.44 -25.35 10.53
C ARG A 242 4.02 -24.11 9.75
N GLU A 243 4.99 -23.25 9.46
CA GLU A 243 4.71 -22.00 8.77
C GLU A 243 4.28 -22.22 7.33
N GLU A 244 4.90 -23.21 6.71
CA GLU A 244 4.58 -23.55 5.34
C GLU A 244 3.16 -24.02 5.20
N ALA A 245 2.78 -24.92 6.11
CA ALA A 245 1.41 -25.44 6.12
C ALA A 245 0.42 -24.34 6.44
N ARG A 246 0.81 -23.52 7.40
CA ARG A 246 -0.02 -22.43 7.90
C ARG A 246 -0.30 -21.43 6.78
N TYR A 247 0.64 -21.32 5.85
CA TYR A 247 0.44 -20.50 4.67
C TYR A 247 -0.39 -21.23 3.66
N ALA A 248 -0.14 -22.53 3.50
CA ALA A 248 -0.85 -23.32 2.49
C ALA A 248 -2.34 -23.33 2.72
N SER A 249 -2.80 -23.47 3.96
CA SER A 249 -4.25 -23.47 4.16
C SER A 249 -4.88 -22.11 3.76
N ALA A 250 -4.24 -21.02 4.16
CA ALA A 250 -4.72 -19.67 3.90
C ALA A 250 -4.77 -19.38 2.42
N ALA A 251 -3.74 -19.91 1.76
CA ALA A 251 -3.54 -19.80 0.34
C ALA A 251 -4.61 -20.56 -0.42
N ARG A 252 -4.91 -21.76 0.06
CA ARG A 252 -5.97 -22.55 -0.54
C ARG A 252 -7.31 -21.84 -0.39
N ALA A 253 -7.59 -21.37 0.81
CA ALA A 253 -8.82 -20.63 1.07
C ALA A 253 -9.00 -19.50 0.05
N TYR A 254 -7.93 -18.72 -0.13
CA TYR A 254 -7.95 -17.66 -1.13
C TYR A 254 -8.26 -18.21 -2.54
N ALA A 255 -7.59 -19.30 -2.92
CA ALA A 255 -7.75 -19.86 -4.26
C ALA A 255 -9.20 -20.22 -4.57
N ASP A 256 -9.85 -20.84 -3.59
CA ASP A 256 -11.26 -21.18 -3.71
C ASP A 256 -12.10 -19.90 -3.92
N ALA A 257 -11.81 -18.88 -3.11
CA ALA A 257 -12.56 -17.63 -3.20
C ALA A 257 -12.45 -17.00 -4.57
N ALA A 258 -11.23 -17.02 -5.10
CA ALA A 258 -10.94 -16.47 -6.41
C ALA A 258 -11.66 -17.27 -7.48
N VAL A 259 -11.63 -18.61 -7.39
CA VAL A 259 -12.34 -19.43 -8.36
C VAL A 259 -13.83 -19.08 -8.43
N LYS A 260 -14.48 -18.97 -7.27
CA LYS A 260 -15.89 -18.56 -7.22
C LYS A 260 -16.13 -17.17 -7.85
N SER A 261 -15.28 -16.23 -7.51
CA SER A 261 -15.43 -14.87 -8.03
C SER A 261 -15.31 -14.83 -9.58
N GLU A 262 -14.27 -15.48 -10.11
CA GLU A 262 -14.02 -15.48 -11.55
C GLU A 262 -15.06 -16.33 -12.27
N ASN A 263 -15.71 -17.25 -11.56
CA ASN A 263 -16.88 -17.96 -12.12
C ASN A 263 -18.08 -17.02 -12.30
N SER A 264 -18.41 -16.25 -11.27
CA SER A 264 -19.55 -15.34 -11.40
C SER A 264 -19.28 -14.33 -12.54
N LEU A 265 -18.01 -13.99 -12.77
CA LEU A 265 -17.75 -13.11 -13.91
C LEU A 265 -18.30 -13.76 -15.19
N GLY A 266 -17.99 -15.04 -15.35
CA GLY A 266 -18.49 -15.80 -16.48
C GLY A 266 -20.00 -15.77 -16.61
N LEU A 267 -20.71 -15.99 -15.50
CA LEU A 267 -22.17 -15.93 -15.55
C LEU A 267 -22.73 -14.56 -15.96
N LEU A 268 -22.13 -13.48 -15.48
CA LEU A 268 -22.57 -12.17 -15.95
C LEU A 268 -22.34 -12.03 -17.46
N ASN A 269 -21.18 -12.49 -17.94
CA ASN A 269 -20.91 -12.40 -19.38
C ASN A 269 -21.87 -13.18 -20.26
N ILE A 270 -22.16 -14.42 -19.86
CA ILE A 270 -23.17 -15.24 -20.53
C ILE A 270 -24.55 -14.61 -20.51
N ALA A 271 -25.05 -14.18 -19.35
CA ALA A 271 -26.34 -13.51 -19.30
C ALA A 271 -26.37 -12.31 -20.25
N GLN A 272 -25.31 -11.52 -20.21
CA GLN A 272 -25.23 -10.34 -21.07
C GLN A 272 -25.35 -10.72 -22.57
N ALA A 273 -24.52 -11.68 -23.00
CA ALA A 273 -24.47 -12.09 -24.41
C ALA A 273 -25.78 -12.74 -24.83
N LEU A 274 -26.44 -13.40 -23.89
CA LEU A 274 -27.74 -14.00 -24.16
C LEU A 274 -28.71 -12.90 -24.58
N ILE A 275 -28.86 -11.88 -23.72
CA ILE A 275 -29.77 -10.79 -24.06
C ILE A 275 -29.41 -10.11 -25.39
N VAL A 276 -28.18 -9.60 -25.47
CA VAL A 276 -27.74 -8.95 -26.70
C VAL A 276 -28.03 -9.81 -27.93
N ASN A 277 -27.66 -11.09 -27.91
CA ASN A 277 -27.82 -11.87 -29.14
C ASN A 277 -29.26 -12.33 -29.45
N LEU A 278 -30.13 -12.45 -28.44
CA LEU A 278 -31.55 -12.54 -28.79
C LEU A 278 -31.95 -11.29 -29.54
N LEU A 279 -31.63 -10.11 -29.02
CA LEU A 279 -32.02 -8.90 -29.76
C LEU A 279 -31.42 -8.85 -31.18
N MSE A 280 -30.20 -9.34 -31.35
CA MSE A 280 -29.55 -9.44 -32.67
C MSE A 280 -30.33 -10.34 -33.63
O MSE A 280 -30.60 -9.97 -34.79
CB MSE A 280 -28.14 -9.97 -32.52
CG MSE A 280 -27.26 -9.70 -33.71
SE MSE A 280 -26.83 -7.79 -33.83
CE MSE A 280 -26.04 -7.54 -32.04
N ALA A 281 -30.68 -11.52 -33.12
CA ALA A 281 -31.51 -12.47 -33.85
C ALA A 281 -32.84 -11.84 -34.29
N GLY A 282 -33.61 -11.35 -33.30
CA GLY A 282 -34.92 -10.78 -33.58
C GLY A 282 -34.87 -9.62 -34.56
N ALA A 283 -33.95 -8.68 -34.34
CA ALA A 283 -33.87 -7.51 -35.19
C ALA A 283 -33.43 -7.85 -36.60
N MSE A 284 -32.46 -8.75 -36.76
CA MSE A 284 -31.98 -9.08 -38.10
C MSE A 284 -33.00 -9.92 -38.85
O MSE A 284 -33.17 -9.74 -40.07
CB MSE A 284 -30.63 -9.80 -38.03
CG MSE A 284 -29.46 -8.88 -37.72
SE MSE A 284 -27.81 -9.88 -37.59
CE MSE A 284 -26.85 -9.16 -39.13
N ALA A 285 -33.72 -10.79 -38.14
CA ALA A 285 -34.88 -11.46 -38.75
C ALA A 285 -35.89 -10.44 -39.27
N TRP A 286 -36.31 -9.52 -38.41
CA TRP A 286 -37.32 -8.53 -38.80
C TRP A 286 -36.85 -7.68 -39.97
N THR A 287 -35.56 -7.37 -40.01
CA THR A 287 -35.04 -6.57 -41.10
C THR A 287 -35.06 -7.35 -42.43
N VAL A 288 -34.59 -8.60 -42.42
CA VAL A 288 -34.58 -9.35 -43.68
C VAL A 288 -36.01 -9.63 -44.16
N TYR A 289 -36.91 -10.02 -43.25
CA TYR A 289 -38.32 -10.21 -43.60
C TYR A 289 -38.95 -8.93 -44.16
N GLY A 290 -38.59 -7.79 -43.58
CA GLY A 290 -39.07 -6.50 -44.07
C GLY A 290 -38.55 -6.23 -45.47
N TRP A 291 -37.37 -6.76 -45.78
CA TRP A 291 -36.82 -6.64 -47.14
C TRP A 291 -37.59 -7.53 -48.10
N SER A 292 -37.99 -8.72 -47.62
CA SER A 292 -38.72 -9.67 -48.44
C SER A 292 -40.01 -9.07 -49.03
N GLN A 293 -40.58 -8.13 -48.29
CA GLN A 293 -41.80 -7.45 -48.68
C GLN A 293 -41.51 -6.17 -49.47
N GLY A 294 -40.25 -6.00 -49.88
CA GLY A 294 -39.86 -4.88 -50.70
C GLY A 294 -39.88 -3.54 -49.97
N LYS A 295 -40.01 -3.60 -48.64
CA LYS A 295 -40.04 -2.39 -47.80
C LYS A 295 -38.64 -1.89 -47.43
N LEU A 296 -37.70 -2.83 -47.24
CA LEU A 296 -36.34 -2.54 -46.80
C LEU A 296 -35.29 -3.04 -47.77
N THR A 297 -34.17 -2.33 -47.86
CA THR A 297 -33.06 -2.75 -48.71
C THR A 297 -32.19 -3.81 -47.97
N VAL A 298 -31.21 -4.39 -48.66
CA VAL A 298 -30.30 -5.36 -48.02
C VAL A 298 -29.24 -4.61 -47.20
N GLY A 299 -28.91 -3.38 -47.63
CA GLY A 299 -28.01 -2.52 -46.89
C GLY A 299 -28.58 -2.17 -45.52
N ASP A 300 -29.89 -2.29 -45.35
CA ASP A 300 -30.53 -2.08 -44.06
C ASP A 300 -30.18 -3.17 -43.05
N LEU A 301 -29.85 -4.37 -43.52
CA LEU A 301 -29.39 -5.42 -42.61
C LEU A 301 -28.06 -5.03 -41.98
N VAL A 302 -27.10 -4.70 -42.86
CA VAL A 302 -25.81 -4.22 -42.43
C VAL A 302 -25.97 -3.01 -41.51
N PHE A 303 -26.81 -2.08 -41.91
CA PHE A 303 -27.05 -0.88 -41.11
C PHE A 303 -27.55 -1.21 -39.71
N VAL A 304 -28.63 -1.98 -39.59
CA VAL A 304 -29.18 -2.33 -38.27
C VAL A 304 -28.20 -3.11 -37.40
N ASN A 305 -27.56 -4.13 -37.98
CA ASN A 305 -26.56 -4.91 -37.26
C ASN A 305 -25.44 -4.04 -36.69
N THR A 306 -24.80 -3.25 -37.55
CA THR A 306 -23.72 -2.37 -37.11
C THR A 306 -24.21 -1.39 -36.03
N TYR A 307 -25.38 -0.84 -36.23
CA TYR A 307 -25.94 0.04 -35.22
C TYR A 307 -26.06 -0.65 -33.86
N LEU A 308 -26.53 -1.90 -33.85
CA LEU A 308 -26.69 -2.64 -32.60
C LEU A 308 -25.36 -3.02 -31.92
N THR A 309 -24.38 -3.52 -32.68
CA THR A 309 -23.10 -3.90 -32.07
C THR A 309 -22.40 -2.66 -31.52
N GLN A 310 -22.48 -1.56 -32.26
CA GLN A 310 -21.95 -0.29 -31.79
C GLN A 310 -22.65 0.18 -30.51
N LEU A 311 -23.96 -0.08 -30.41
CA LEU A 311 -24.70 0.31 -29.21
C LEU A 311 -24.27 -0.46 -27.98
N PHE A 312 -24.15 -1.78 -28.12
CA PHE A 312 -23.88 -2.63 -26.96
C PHE A 312 -22.39 -2.85 -26.65
N ARG A 313 -21.49 -2.31 -27.46
CA ARG A 313 -20.05 -2.40 -27.16
C ARG A 313 -19.63 -1.65 -25.88
N PRO A 314 -20.05 -0.38 -25.72
CA PRO A 314 -19.65 0.25 -24.45
C PRO A 314 -20.33 -0.36 -23.23
N LEU A 315 -21.50 -0.96 -23.40
CA LEU A 315 -22.20 -1.58 -22.26
C LEU A 315 -21.61 -2.93 -21.86
N ASP A 316 -20.55 -3.34 -22.55
CA ASP A 316 -19.87 -4.60 -22.27
C ASP A 316 -19.20 -4.54 -20.92
N MSE A 317 -18.84 -3.34 -20.51
CA MSE A 317 -18.18 -3.12 -19.23
C MSE A 317 -19.11 -2.66 -18.14
O MSE A 317 -18.66 -2.18 -17.12
CB MSE A 317 -17.07 -2.07 -19.38
CG MSE A 317 -16.18 -2.22 -20.56
SE MSE A 317 -14.69 -0.97 -20.43
CE MSE A 317 -13.59 -1.90 -19.10
N LEU A 318 -20.42 -2.77 -18.36
CA LEU A 318 -21.33 -2.08 -17.46
C LEU A 318 -21.16 -2.53 -16.01
N GLY A 319 -20.84 -3.82 -15.82
CA GLY A 319 -20.66 -4.36 -14.48
C GLY A 319 -19.63 -3.61 -13.67
N MSE A 320 -18.38 -3.69 -14.12
CA MSE A 320 -17.29 -2.97 -13.46
C MSE A 320 -17.60 -1.50 -13.30
O MSE A 320 -17.50 -0.98 -12.19
CB MSE A 320 -16.00 -3.12 -14.23
CG MSE A 320 -15.06 -1.98 -13.97
SE MSE A 320 -13.69 -2.04 -15.31
CE MSE A 320 -13.22 -3.95 -15.18
N VAL A 321 -17.98 -0.84 -14.40
CA VAL A 321 -18.41 0.55 -14.36
C VAL A 321 -19.37 0.78 -13.19
N TYR A 322 -20.43 -0.03 -13.13
CA TYR A 322 -21.40 0.16 -12.08
C TYR A 322 -20.78 0.00 -10.70
N ARG A 323 -19.94 -1.02 -10.51
CA ARG A 323 -19.27 -1.22 -9.22
C ARG A 323 -18.43 0.00 -8.86
N THR A 324 -17.68 0.51 -9.84
CA THR A 324 -16.70 1.52 -9.51
C THR A 324 -17.39 2.84 -9.27
N ILE A 325 -18.25 3.25 -10.20
CA ILE A 325 -18.96 4.53 -10.10
C ILE A 325 -19.65 4.62 -8.75
N ARG A 326 -20.36 3.56 -8.39
CA ARG A 326 -21.08 3.51 -7.14
C ARG A 326 -20.13 3.88 -6.01
N GLN A 327 -19.04 3.12 -5.92
CA GLN A 327 -18.06 3.29 -4.87
C GLN A 327 -17.44 4.69 -4.88
N GLY A 328 -17.16 5.22 -6.07
CA GLY A 328 -16.55 6.54 -6.18
C GLY A 328 -17.50 7.50 -5.50
N LEU A 329 -18.77 7.39 -5.84
CA LEU A 329 -19.76 8.32 -5.31
C LEU A 329 -19.86 8.21 -3.79
N ILE A 330 -19.57 7.02 -3.27
CA ILE A 330 -19.58 6.85 -1.83
C ILE A 330 -18.43 7.68 -1.25
N ASP A 331 -17.23 7.46 -1.79
CA ASP A 331 -16.01 8.10 -1.29
C ASP A 331 -16.14 9.61 -1.32
N MSE A 332 -16.71 10.11 -2.41
CA MSE A 332 -16.82 11.55 -2.60
C MSE A 332 -17.82 12.12 -1.61
O MSE A 332 -17.64 13.24 -1.13
CB MSE A 332 -17.21 11.89 -4.02
CG MSE A 332 -16.87 13.33 -4.33
SE MSE A 332 -17.45 13.93 -6.05
CE MSE A 332 -16.16 12.99 -7.14
N ALA A 333 -18.83 11.33 -1.26
CA ALA A 333 -19.76 11.80 -0.25
C ALA A 333 -18.95 12.12 0.98
N GLU A 334 -18.08 11.17 1.34
CA GLU A 334 -17.22 11.30 2.52
C GLU A 334 -16.39 12.57 2.42
N MSE A 335 -15.84 12.85 1.24
CA MSE A 335 -15.02 14.05 1.08
C MSE A 335 -15.80 15.25 1.57
O MSE A 335 -15.32 16.01 2.42
CB MSE A 335 -14.60 14.24 -0.40
CG MSE A 335 -13.53 13.29 -0.90
SE MSE A 335 -11.89 13.46 0.19
CE MSE A 335 -12.14 12.12 1.61
N PHE A 336 -17.04 15.37 1.09
CA PHE A 336 -17.84 16.54 1.33
C PHE A 336 -18.32 16.56 2.76
N ARG A 337 -18.51 15.37 3.32
CA ARG A 337 -18.87 15.29 4.72
C ARG A 337 -17.78 15.99 5.57
N LEU A 338 -16.50 15.76 5.26
CA LEU A 338 -15.44 16.43 5.97
C LEU A 338 -15.52 17.93 5.76
N ILE A 339 -15.73 18.33 4.52
CA ILE A 339 -15.78 19.76 4.25
C ILE A 339 -16.98 20.34 5.01
N ASP A 340 -17.96 19.49 5.31
CA ASP A 340 -19.18 19.97 5.92
C ASP A 340 -19.15 20.00 7.43
N THR A 341 -18.23 19.24 8.05
CA THR A 341 -18.05 19.24 9.53
C THR A 341 -17.69 20.63 10.06
N HIS A 342 -18.30 21.07 11.15
CA HIS A 342 -18.09 22.46 11.54
C HIS A 342 -16.81 22.65 12.33
N ILE A 343 -16.29 23.87 12.24
CA ILE A 343 -15.07 24.28 12.85
C ILE A 343 -15.29 24.78 14.25
N GLU A 344 -14.76 24.02 15.20
CA GLU A 344 -14.91 24.34 16.60
C GLU A 344 -14.25 25.66 17.01
N VAL A 345 -13.00 25.86 16.63
CA VAL A 345 -12.34 27.09 17.03
C VAL A 345 -12.21 27.97 15.80
N ALA A 346 -12.96 29.07 15.77
CA ALA A 346 -12.91 29.97 14.62
C ALA A 346 -12.57 31.38 15.04
N ASP A 347 -11.94 32.13 14.15
CA ASP A 347 -11.72 33.55 14.36
C ASP A 347 -13.08 34.20 14.39
N VAL A 348 -13.28 35.19 15.25
CA VAL A 348 -14.52 35.96 15.18
C VAL A 348 -14.49 36.83 13.91
N PRO A 349 -15.67 37.28 13.43
CA PRO A 349 -15.74 38.16 12.25
C PRO A 349 -14.92 39.43 12.42
N ASN A 350 -14.14 39.81 11.41
CA ASN A 350 -13.33 41.03 11.47
C ASN A 350 -12.41 41.06 12.65
N ALA A 351 -11.84 39.91 12.97
CA ALA A 351 -10.96 39.83 14.12
C ALA A 351 -9.73 40.64 13.83
N PRO A 352 -9.33 41.47 14.80
CA PRO A 352 -8.05 42.19 14.81
C PRO A 352 -6.89 41.26 15.13
N ALA A 353 -5.67 41.75 14.91
CA ALA A 353 -4.48 40.99 15.24
C ALA A 353 -4.10 41.10 16.72
N LEU A 354 -3.41 40.09 17.24
CA LEU A 354 -2.88 40.26 18.57
C LEU A 354 -1.68 41.20 18.46
N VAL A 355 -1.66 42.21 19.32
CA VAL A 355 -0.58 43.17 19.33
C VAL A 355 0.18 43.09 20.67
N VAL A 356 1.31 42.39 20.62
CA VAL A 356 2.13 42.12 21.77
C VAL A 356 3.09 43.27 21.94
N ASN A 357 2.75 44.23 22.79
CA ASN A 357 3.69 45.31 23.10
C ASN A 357 4.43 44.95 24.39
N ARG A 358 3.68 44.45 25.37
CA ARG A 358 4.26 43.94 26.60
C ARG A 358 3.65 42.57 26.92
N PRO A 359 4.42 41.49 26.66
CA PRO A 359 3.97 40.08 26.65
C PRO A 359 3.66 39.48 28.02
N SER A 360 2.57 39.96 28.62
CA SER A 360 2.04 39.37 29.84
C SER A 360 1.05 38.27 29.47
N VAL A 361 0.82 37.33 30.37
CA VAL A 361 -0.17 36.25 30.13
C VAL A 361 -1.18 36.19 31.28
N THR A 362 -2.48 36.21 30.98
CA THR A 362 -3.48 36.17 32.05
C THR A 362 -4.46 35.01 31.92
N PHE A 363 -4.60 34.16 32.93
CA PHE A 363 -5.74 33.27 32.98
C PHE A 363 -6.78 33.87 33.89
N ASP A 364 -7.95 34.18 33.32
CA ASP A 364 -9.02 34.77 34.06
C ASP A 364 -10.11 33.75 34.19
N ASN A 365 -10.09 33.07 35.32
CA ASN A 365 -11.15 32.21 35.76
C ASN A 365 -11.50 31.12 34.77
N VAL A 366 -10.49 30.45 34.26
CA VAL A 366 -10.74 29.51 33.20
C VAL A 366 -11.35 28.20 33.72
N VAL A 367 -12.54 27.83 33.17
CA VAL A 367 -13.16 26.52 33.38
C VAL A 367 -13.01 25.78 32.06
N PHE A 368 -12.62 24.51 32.07
CA PHE A 368 -12.34 23.78 30.82
C PHE A 368 -12.24 22.26 31.01
N GLY A 369 -12.51 21.48 29.96
CA GLY A 369 -12.25 20.06 29.94
C GLY A 369 -12.34 19.63 28.48
N TYR A 370 -11.75 18.50 28.12
CA TYR A 370 -11.81 18.10 26.72
C TYR A 370 -13.20 17.66 26.37
N ASP A 371 -13.88 17.03 27.33
CA ASP A 371 -15.29 16.65 27.18
C ASP A 371 -16.18 17.18 28.30
N ARG A 372 -17.45 17.39 27.98
CA ARG A 372 -18.35 18.04 28.92
C ARG A 372 -18.68 17.25 30.17
N ASP A 373 -18.41 15.95 30.14
CA ASP A 373 -18.73 15.13 31.31
C ASP A 373 -17.51 14.97 32.22
N ARG A 374 -16.37 15.55 31.85
CA ARG A 374 -15.21 15.54 32.73
C ARG A 374 -14.46 16.88 32.73
N GLU A 375 -14.81 17.73 33.68
CA GLU A 375 -14.22 19.04 33.85
C GLU A 375 -12.83 18.95 34.52
N ILE A 376 -11.85 19.69 33.98
CA ILE A 376 -10.45 19.65 34.43
C ILE A 376 -9.96 20.91 35.09
N LEU A 377 -10.15 22.05 34.44
CA LEU A 377 -9.85 23.32 35.12
C LEU A 377 -11.13 23.78 35.77
N HIS A 378 -11.06 24.12 37.05
CA HIS A 378 -12.28 24.46 37.77
C HIS A 378 -12.33 25.94 38.16
N GLY A 379 -11.70 26.76 37.34
CA GLY A 379 -11.73 28.20 37.53
C GLY A 379 -10.35 28.72 37.84
N LEU A 380 -9.39 28.34 36.98
CA LEU A 380 -7.96 28.64 37.16
C LEU A 380 -7.64 30.07 36.83
N SER A 381 -6.94 30.73 37.75
CA SER A 381 -6.62 32.14 37.57
C SER A 381 -5.16 32.42 37.92
N PHE A 382 -4.48 33.13 37.03
CA PHE A 382 -3.12 33.57 37.33
C PHE A 382 -2.56 34.58 36.35
N GLU A 383 -1.53 35.28 36.77
CA GLU A 383 -0.87 36.32 35.99
C GLU A 383 0.59 35.97 35.76
N VAL A 384 1.02 35.89 34.51
CA VAL A 384 2.44 35.69 34.22
C VAL A 384 2.95 37.03 33.76
N ALA A 385 3.88 37.63 34.48
CA ALA A 385 4.36 38.98 34.16
C ALA A 385 5.27 38.96 32.94
N ALA A 386 5.31 40.10 32.23
CA ALA A 386 6.15 40.27 31.04
C ALA A 386 7.65 40.04 31.32
N GLY A 387 8.26 39.17 30.53
CA GLY A 387 9.69 38.97 30.56
C GLY A 387 10.11 38.03 31.67
N SER A 388 9.17 37.63 32.54
CA SER A 388 9.49 36.76 33.67
C SER A 388 9.52 35.30 33.28
N ARG A 389 10.27 34.50 34.02
CA ARG A 389 10.28 33.05 33.84
C ARG A 389 9.50 32.36 34.92
N VAL A 390 8.42 31.67 34.56
CA VAL A 390 7.67 30.97 35.58
C VAL A 390 7.45 29.52 35.18
N ALA A 391 7.20 28.72 36.20
CA ALA A 391 6.86 27.31 36.03
C ALA A 391 5.44 26.98 36.54
N ILE A 392 4.92 25.88 36.01
CA ILE A 392 3.63 25.39 36.39
C ILE A 392 3.80 23.92 36.74
N VAL A 393 3.63 23.64 38.03
CA VAL A 393 3.72 22.27 38.58
C VAL A 393 2.48 21.98 39.39
N GLY A 394 2.22 20.69 39.58
CA GLY A 394 1.08 20.23 40.33
C GLY A 394 1.12 18.73 40.20
N PRO A 395 0.33 18.03 41.02
CA PRO A 395 0.14 16.57 41.05
C PRO A 395 -0.77 16.03 39.93
N SER A 396 -1.16 14.76 39.98
CA SER A 396 -1.84 14.10 38.85
C SER A 396 -3.11 14.74 38.33
N GLY A 397 -3.87 15.43 39.17
CA GLY A 397 -5.11 15.98 38.65
C GLY A 397 -5.11 17.47 38.45
N ALA A 398 -3.95 18.08 38.60
CA ALA A 398 -3.84 19.53 38.63
C ALA A 398 -4.40 20.15 37.37
N GLY A 399 -4.25 19.43 36.24
CA GLY A 399 -4.76 19.91 34.97
C GLY A 399 -3.77 20.77 34.21
N LYS A 400 -2.48 20.60 34.49
CA LYS A 400 -1.47 21.45 33.87
C LYS A 400 -1.28 21.09 32.37
N SER A 401 -1.49 19.85 31.98
CA SER A 401 -1.30 19.50 30.57
C SER A 401 -2.38 20.15 29.65
N THR A 402 -3.27 20.98 30.22
CA THR A 402 -4.22 21.68 29.38
C THR A 402 -3.62 23.04 28.98
N ILE A 403 -2.76 23.61 29.82
CA ILE A 403 -2.29 25.01 29.68
C ILE A 403 -1.76 25.35 28.28
N ALA A 404 -0.78 24.58 27.82
CA ALA A 404 -0.18 24.79 26.52
C ALA A 404 -1.28 24.83 25.47
N ARG A 405 -2.12 23.80 25.47
CA ARG A 405 -3.15 23.67 24.47
C ARG A 405 -4.17 24.78 24.57
N LEU A 406 -4.39 25.31 25.77
CA LEU A 406 -5.34 26.39 25.86
C LEU A 406 -4.73 27.65 25.31
N LEU A 407 -3.42 27.80 25.48
CA LEU A 407 -2.71 29.04 25.12
C LEU A 407 -2.54 29.24 23.58
N PHE A 408 -2.34 28.15 22.85
CA PHE A 408 -2.30 28.18 21.38
C PHE A 408 -3.71 28.19 20.83
N ARG A 409 -4.68 28.16 21.74
CA ARG A 409 -6.10 28.05 21.38
C ARG A 409 -6.41 26.88 20.46
N PHE A 410 -5.91 25.69 20.78
CA PHE A 410 -6.41 24.49 20.15
C PHE A 410 -7.83 24.28 20.61
N TYR A 411 -8.15 24.81 21.81
CA TYR A 411 -9.48 24.73 22.42
C TYR A 411 -9.84 26.05 23.12
N ASP A 412 -11.13 26.28 23.33
CA ASP A 412 -11.59 27.42 24.12
C ASP A 412 -12.05 26.99 25.51
N PRO A 413 -11.95 27.89 26.50
CA PRO A 413 -12.49 27.64 27.82
C PRO A 413 -14.02 27.50 27.79
N TRP A 414 -14.56 26.64 28.66
CA TRP A 414 -16.00 26.55 28.85
C TRP A 414 -16.53 27.85 29.43
N GLU A 415 -15.77 28.39 30.38
CA GLU A 415 -16.07 29.65 31.01
C GLU A 415 -14.75 30.37 31.21
N GLY A 416 -14.79 31.71 31.29
CA GLY A 416 -13.60 32.49 31.55
C GLY A 416 -12.76 32.79 30.32
N ARG A 417 -11.57 33.33 30.54
CA ARG A 417 -10.73 33.76 29.42
C ARG A 417 -9.24 33.76 29.71
N ILE A 418 -8.51 33.81 28.62
CA ILE A 418 -7.07 33.91 28.55
C ILE A 418 -6.70 35.17 27.80
N LEU A 419 -5.83 35.99 28.38
CA LEU A 419 -5.40 37.22 27.72
C LEU A 419 -3.90 37.19 27.44
N ILE A 420 -3.49 37.87 26.36
CA ILE A 420 -2.09 38.26 26.18
C ILE A 420 -1.99 39.76 25.97
N ASP A 421 -1.08 40.42 26.66
CA ASP A 421 -1.06 41.88 26.71
C ASP A 421 -2.44 42.53 27.00
N GLY A 422 -3.35 41.79 27.62
CA GLY A 422 -4.63 42.37 27.95
C GLY A 422 -5.66 42.20 26.84
N GLN A 423 -5.36 41.27 25.92
CA GLN A 423 -6.26 41.01 24.81
C GLN A 423 -6.77 39.59 24.93
N ASP A 424 -8.10 39.47 24.94
CA ASP A 424 -8.76 38.18 25.01
C ASP A 424 -8.35 37.40 23.80
N ILE A 425 -7.61 36.30 24.00
CA ILE A 425 -7.07 35.65 22.81
C ILE A 425 -8.17 34.98 21.95
N ALA A 426 -9.40 34.95 22.46
CA ALA A 426 -10.51 34.33 21.73
C ALA A 426 -11.12 35.26 20.73
N HIS A 427 -10.68 36.51 20.76
CA HIS A 427 -11.21 37.57 19.91
C HIS A 427 -10.21 38.09 18.90
N VAL A 428 -9.05 37.44 18.80
CA VAL A 428 -8.00 37.88 17.90
C VAL A 428 -7.78 36.81 16.87
N THR A 429 -7.12 37.15 15.79
CA THR A 429 -6.90 36.18 14.73
C THR A 429 -5.94 35.09 15.20
N GLN A 430 -6.36 33.84 14.99
CA GLN A 430 -5.57 32.72 15.42
C GLN A 430 -4.14 32.77 14.92
N THR A 431 -3.87 33.24 13.71
CA THR A 431 -2.50 33.20 13.18
C THR A 431 -1.55 34.13 13.93
N SER A 432 -2.03 35.32 14.31
CA SER A 432 -1.20 36.25 15.04
C SER A 432 -0.96 35.73 16.47
N LEU A 433 -2.04 35.23 17.07
CA LEU A 433 -1.95 34.61 18.38
C LEU A 433 -0.84 33.59 18.34
N ARG A 434 -0.91 32.66 17.40
CA ARG A 434 0.10 31.64 17.41
C ARG A 434 1.46 32.21 16.97
N ALA A 435 1.44 33.36 16.33
CA ALA A 435 2.67 34.03 15.98
C ALA A 435 3.40 34.49 17.23
N ALA A 436 2.66 34.78 18.29
CA ALA A 436 3.32 35.22 19.53
C ALA A 436 3.83 34.05 20.42
N LEU A 437 3.69 32.81 19.99
CA LEU A 437 3.97 31.70 20.88
C LEU A 437 5.02 30.70 20.40
N GLY A 438 5.95 30.36 21.28
CA GLY A 438 6.87 29.28 20.98
C GLY A 438 6.62 28.06 21.86
N ILE A 439 6.97 26.88 21.38
CA ILE A 439 6.77 25.70 22.17
C ILE A 439 7.83 24.62 21.90
N VAL A 440 8.35 24.08 22.99
CA VAL A 440 9.13 22.86 22.92
C VAL A 440 8.29 21.81 23.63
N PRO A 441 7.73 20.87 22.86
CA PRO A 441 6.91 19.78 23.39
C PRO A 441 7.75 18.62 23.90
N GLN A 442 7.10 17.70 24.61
CA GLN A 442 7.79 16.50 25.05
C GLN A 442 8.15 15.59 23.87
N ASP A 443 7.17 15.29 23.03
CA ASP A 443 7.45 14.47 21.87
C ASP A 443 7.59 15.36 20.67
N SER A 444 8.83 15.68 20.29
CA SER A 444 9.06 16.50 19.10
C SER A 444 9.07 15.59 17.88
N VAL A 445 8.41 16.04 16.82
CA VAL A 445 8.29 15.24 15.61
C VAL A 445 9.09 15.89 14.50
N LEU A 446 9.68 15.07 13.64
CA LEU A 446 10.44 15.57 12.50
C LEU A 446 9.70 15.28 11.20
N PHE A 447 9.73 16.22 10.26
CA PHE A 447 9.13 15.98 8.96
C PHE A 447 10.02 15.05 8.13
N ASN A 448 9.42 14.33 7.17
CA ASN A 448 10.21 13.48 6.29
C ASN A 448 10.95 14.35 5.28
N ASP A 449 12.07 14.88 5.74
CA ASP A 449 12.82 15.86 4.98
C ASP A 449 14.18 16.04 5.64
N THR A 450 14.94 17.06 5.22
CA THR A 450 16.27 17.25 5.77
C THR A 450 16.24 17.94 7.14
N ILE A 451 17.31 17.77 7.91
CA ILE A 451 17.42 18.40 9.22
C ILE A 451 17.39 19.94 9.08
N GLY A 452 17.94 20.41 7.97
CA GLY A 452 17.91 21.82 7.65
C GLY A 452 16.49 22.31 7.43
N TYR A 453 15.68 21.54 6.70
CA TYR A 453 14.30 21.94 6.45
C TYR A 453 13.49 21.99 7.74
N ASN A 454 13.72 20.97 8.58
CA ASN A 454 13.04 20.88 9.87
C ASN A 454 13.40 22.06 10.76
N ILE A 455 14.65 22.51 10.72
CA ILE A 455 15.00 23.68 11.52
C ILE A 455 14.44 24.97 10.91
N ALA A 456 14.46 25.03 9.59
CA ALA A 456 13.97 26.20 8.86
C ALA A 456 12.48 26.39 9.01
N TYR A 457 11.79 25.31 9.39
CA TYR A 457 10.33 25.30 9.55
C TYR A 457 9.75 26.39 10.46
N GLY A 458 10.54 26.89 11.41
CA GLY A 458 10.04 27.84 12.38
C GLY A 458 9.55 29.16 11.80
N ARG A 459 10.12 29.54 10.67
CA ARG A 459 9.69 30.76 10.01
C ARG A 459 9.70 30.52 8.55
N ASP A 460 8.71 31.15 7.90
CA ASP A 460 8.36 30.93 6.51
C ASP A 460 9.54 31.17 5.58
N GLY A 461 10.13 32.36 5.63
CA GLY A 461 11.21 32.67 4.69
C GLY A 461 12.63 32.57 5.20
N ALA A 462 12.89 31.61 6.09
CA ALA A 462 14.14 31.53 6.87
C ALA A 462 15.45 31.40 6.07
N SER A 463 16.40 32.29 6.36
CA SER A 463 17.68 32.29 5.65
C SER A 463 18.60 31.20 6.16
N ARG A 464 19.65 30.91 5.40
CA ARG A 464 20.67 29.94 5.79
C ARG A 464 21.39 30.40 7.07
N ALA A 465 21.47 31.72 7.20
CA ALA A 465 22.08 32.36 8.36
C ALA A 465 21.26 32.19 9.63
N GLU A 466 19.95 32.34 9.50
CA GLU A 466 19.01 32.23 10.62
C GLU A 466 19.03 30.80 11.17
N VAL A 467 19.00 29.84 10.24
CA VAL A 467 19.11 28.43 10.60
C VAL A 467 20.44 28.17 11.31
N ASP A 468 21.54 28.65 10.74
CA ASP A 468 22.86 28.47 11.35
C ASP A 468 22.87 29.03 12.80
N ALA A 469 22.35 30.25 12.97
CA ALA A 469 22.33 30.95 14.25
C ALA A 469 21.58 30.18 15.33
N ALA A 470 20.43 29.67 14.91
CA ALA A 470 19.56 28.91 15.79
C ALA A 470 20.16 27.55 16.17
N ALA A 471 20.74 26.85 15.19
CA ALA A 471 21.38 25.57 15.47
C ALA A 471 22.53 25.74 16.46
N LYS A 472 23.23 26.87 16.34
CA LYS A 472 24.27 27.20 17.31
C LYS A 472 23.65 27.43 18.70
N GLY A 473 22.64 28.32 18.75
CA GLY A 473 21.98 28.68 20.00
C GLY A 473 21.36 27.50 20.73
N ALA A 474 21.13 26.43 19.98
CA ALA A 474 20.60 25.19 20.52
C ALA A 474 21.72 24.18 20.72
N ALA A 475 22.92 24.55 20.28
CA ALA A 475 24.12 23.70 20.38
C ALA A 475 23.97 22.39 19.63
N ILE A 476 23.46 22.45 18.41
CA ILE A 476 23.38 21.25 17.60
C ILE A 476 24.17 21.41 16.31
N ALA A 477 24.80 22.58 16.15
CA ALA A 477 25.52 22.90 14.92
C ALA A 477 26.66 21.91 14.66
N ASP A 478 27.41 21.61 15.72
CA ASP A 478 28.55 20.72 15.63
C ASP A 478 28.16 19.30 15.23
N PHE A 479 27.05 18.80 15.79
CA PHE A 479 26.57 17.47 15.42
C PHE A 479 26.27 17.38 13.91
N ILE A 480 25.66 18.43 13.37
CA ILE A 480 25.30 18.51 11.96
C ILE A 480 26.57 18.61 11.08
N ALA A 481 27.57 19.33 11.59
CA ALA A 481 28.83 19.50 10.87
C ALA A 481 29.46 18.14 10.60
N ARG A 482 29.39 17.25 11.59
CA ARG A 482 29.97 15.91 11.52
C ARG A 482 29.12 14.93 10.70
N LEU A 483 27.96 15.36 10.23
CA LEU A 483 27.17 14.51 9.34
C LEU A 483 27.76 14.60 7.95
N PRO A 484 27.75 13.48 7.22
CA PRO A 484 28.29 13.43 5.85
C PRO A 484 27.70 14.52 4.96
N GLN A 485 26.37 14.60 4.94
CA GLN A 485 25.66 15.53 4.07
C GLN A 485 25.24 16.82 4.79
N GLY A 486 25.58 16.92 6.06
CA GLY A 486 25.28 18.08 6.89
C GLY A 486 23.81 18.48 6.96
N TYR A 487 23.52 19.74 6.64
CA TYR A 487 22.14 20.20 6.69
C TYR A 487 21.24 19.48 5.69
N ASP A 488 21.82 18.82 4.70
CA ASP A 488 21.04 18.12 3.71
C ASP A 488 20.81 16.65 4.10
N THR A 489 21.15 16.31 5.34
CA THR A 489 20.90 14.97 5.86
C THR A 489 19.42 14.70 6.04
N GLU A 490 18.92 13.67 5.36
CA GLU A 490 17.51 13.29 5.50
C GLU A 490 17.30 12.64 6.87
N VAL A 491 16.29 13.12 7.59
CA VAL A 491 15.95 12.63 8.91
C VAL A 491 14.48 12.20 9.00
N GLY A 492 14.11 11.72 10.17
CA GLY A 492 12.78 11.18 10.45
C GLY A 492 12.71 9.68 10.18
N GLU A 493 11.50 9.20 9.96
CA GLU A 493 11.32 7.85 9.46
C GLU A 493 11.87 7.89 8.04
N ARG A 494 12.37 6.76 7.55
CA ARG A 494 12.87 6.64 6.18
C ARG A 494 14.20 7.37 6.04
N GLY A 495 14.68 7.91 7.16
CA GLY A 495 15.92 8.66 7.20
C GLY A 495 16.69 8.34 8.46
N LEU A 496 17.77 9.08 8.71
CA LEU A 496 18.63 8.88 9.88
C LEU A 496 17.85 9.03 11.20
N LYS A 497 18.05 8.08 12.10
CA LYS A 497 17.40 8.18 13.40
C LYS A 497 18.19 9.13 14.27
N LEU A 498 17.50 10.13 14.83
CA LEU A 498 18.15 11.05 15.75
C LEU A 498 17.87 10.64 17.20
N SER A 499 18.81 10.95 18.08
CA SER A 499 18.64 10.69 19.52
C SER A 499 17.60 11.63 20.09
N GLY A 500 17.22 11.39 21.35
CA GLY A 500 16.20 12.21 21.99
C GLY A 500 16.62 13.65 22.20
N GLY A 501 17.80 13.79 22.79
CA GLY A 501 18.40 15.09 23.02
C GLY A 501 18.58 15.84 21.73
N GLU A 502 18.99 15.14 20.68
CA GLU A 502 19.15 15.79 19.39
C GLU A 502 17.81 16.36 18.90
N LYS A 503 16.75 15.53 18.88
CA LYS A 503 15.42 15.98 18.45
C LYS A 503 14.90 17.20 19.24
N GLN A 504 15.12 17.20 20.55
CA GLN A 504 14.72 18.34 21.37
C GLN A 504 15.58 19.57 21.08
N ARG A 505 16.82 19.34 20.65
CA ARG A 505 17.72 20.42 20.28
C ARG A 505 17.27 21.03 18.94
N VAL A 506 16.87 20.18 18.00
CA VAL A 506 16.28 20.64 16.74
C VAL A 506 15.07 21.49 17.04
N ALA A 507 14.21 21.01 17.93
CA ALA A 507 13.02 21.75 18.34
C ALA A 507 13.34 23.13 18.92
N ILE A 508 14.29 23.16 19.84
CA ILE A 508 14.71 24.44 20.39
C ILE A 508 15.11 25.36 19.25
N ALA A 509 15.84 24.78 18.29
CA ALA A 509 16.33 25.52 17.15
C ALA A 509 15.17 26.16 16.39
N ARG A 510 14.16 25.33 16.10
CA ARG A 510 12.95 25.78 15.42
C ARG A 510 12.35 27.00 16.09
N THR A 511 12.05 26.83 17.37
CA THR A 511 11.38 27.91 18.05
C THR A 511 12.27 29.13 18.03
N LEU A 512 13.58 28.92 17.96
CA LEU A 512 14.51 30.03 17.85
C LEU A 512 14.34 30.77 16.53
N VAL A 513 14.22 30.03 15.43
CA VAL A 513 14.03 30.63 14.09
C VAL A 513 12.77 31.49 14.10
N LYS A 514 11.74 30.99 14.78
CA LYS A 514 10.50 31.72 14.97
C LYS A 514 10.67 32.99 15.83
N ASN A 515 11.58 32.94 16.79
CA ASN A 515 11.87 34.05 17.72
C ASN A 515 10.60 34.70 18.34
N PRO A 516 9.82 33.90 19.09
CA PRO A 516 8.55 34.42 19.63
C PRO A 516 8.73 35.16 20.92
N PRO A 517 7.85 36.12 21.23
CA PRO A 517 7.97 36.89 22.47
C PRO A 517 7.62 36.11 23.76
N ILE A 518 6.93 34.99 23.61
CA ILE A 518 6.53 34.11 24.70
C ILE A 518 6.89 32.64 24.41
N LEU A 519 7.59 31.98 25.33
CA LEU A 519 8.08 30.63 25.04
C LEU A 519 7.56 29.64 26.07
N LEU A 520 7.15 28.48 25.58
CA LEU A 520 6.60 27.42 26.39
C LEU A 520 7.42 26.15 26.30
N PHE A 521 7.87 25.68 27.46
CA PHE A 521 8.45 24.35 27.57
C PHE A 521 7.40 23.49 28.21
N ASP A 522 6.89 22.56 27.41
CA ASP A 522 5.78 21.73 27.79
C ASP A 522 6.27 20.30 28.00
N GLU A 523 6.72 20.01 29.23
CA GLU A 523 7.31 18.73 29.57
C GLU A 523 8.45 18.43 28.60
N ALA A 524 9.31 19.44 28.41
CA ALA A 524 10.29 19.40 27.32
C ALA A 524 11.28 18.26 27.50
N THR A 525 11.68 18.02 28.75
CA THR A 525 12.78 17.11 29.04
C THR A 525 12.37 15.78 29.67
N SER A 526 11.08 15.60 29.85
CA SER A 526 10.49 14.42 30.48
C SER A 526 10.55 13.19 29.59
N ALA A 527 11.13 13.34 28.40
CA ALA A 527 11.27 12.23 27.46
C ALA A 527 12.70 11.77 27.45
N LEU A 528 13.53 12.46 28.22
CA LEU A 528 14.98 12.32 28.18
C LEU A 528 15.55 11.54 29.36
N ASP A 529 16.77 11.00 29.19
CA ASP A 529 17.50 10.42 30.32
C ASP A 529 18.07 11.55 31.15
N THR A 530 18.56 11.21 32.33
CA THR A 530 18.99 12.20 33.30
C THR A 530 20.11 13.11 32.79
N ARG A 531 21.19 12.52 32.25
CA ARG A 531 22.33 13.32 31.78
C ARG A 531 21.94 14.22 30.61
N THR A 532 21.18 13.65 29.67
CA THR A 532 20.68 14.40 28.51
C THR A 532 19.85 15.58 29.00
N GLU A 533 18.98 15.33 29.97
CA GLU A 533 18.15 16.36 30.57
C GLU A 533 19.02 17.47 31.17
N GLN A 534 20.01 17.09 31.96
CA GLN A 534 20.90 18.04 32.62
C GLN A 534 21.60 18.91 31.60
N ASP A 535 22.06 18.27 30.53
CA ASP A 535 22.75 18.93 29.45
C ASP A 535 21.87 20.00 28.84
N ILE A 536 20.71 19.56 28.35
CA ILE A 536 19.86 20.42 27.55
C ILE A 536 19.18 21.50 28.38
N LEU A 537 19.05 21.28 29.70
CA LEU A 537 18.43 22.27 30.58
C LEU A 537 19.13 23.61 30.55
N SER A 538 20.46 23.55 30.38
CA SER A 538 21.32 24.74 30.30
C SER A 538 21.09 25.48 29.00
N THR A 539 20.92 24.69 27.94
CA THR A 539 20.64 25.21 26.61
C THR A 539 19.33 25.98 26.72
N MSE A 540 18.28 25.31 27.22
CA MSE A 540 16.96 25.92 27.39
C MSE A 540 17.02 27.15 28.25
O MSE A 540 16.29 28.12 28.03
CB MSE A 540 15.97 24.94 27.99
CG MSE A 540 15.58 23.81 27.09
SE MSE A 540 14.92 22.28 28.07
CE MSE A 540 14.00 23.25 29.52
N ARG A 541 17.89 27.11 29.26
CA ARG A 541 18.02 28.22 30.19
C ARG A 541 18.53 29.42 29.43
N ALA A 542 19.43 29.14 28.48
CA ALA A 542 19.98 30.20 27.68
C ALA A 542 18.93 30.86 26.80
N VAL A 543 18.10 30.03 26.18
CA VAL A 543 17.14 30.47 25.15
C VAL A 543 16.01 31.34 25.70
N ALA A 544 15.72 31.17 26.99
CA ALA A 544 14.65 31.86 27.67
C ALA A 544 15.01 33.30 28.07
N SER A 545 16.13 33.79 27.54
CA SER A 545 16.81 34.97 28.06
C SER A 545 15.91 36.18 28.33
N HIS A 546 15.44 36.83 27.27
CA HIS A 546 14.69 38.07 27.44
C HIS A 546 13.27 37.92 26.96
N ARG A 547 12.69 36.72 27.15
CA ARG A 547 11.31 36.45 26.74
C ARG A 547 10.46 36.09 27.95
N THR A 548 9.13 36.16 27.82
CA THR A 548 8.29 35.51 28.79
C THR A 548 8.35 34.01 28.54
N THR A 549 8.68 33.25 29.59
CA THR A 549 8.78 31.80 29.45
C THR A 549 7.90 31.08 30.48
N ILE A 550 7.19 30.06 30.01
CA ILE A 550 6.36 29.22 30.86
C ILE A 550 6.80 27.76 30.72
N SER A 551 7.29 27.21 31.84
CA SER A 551 7.82 25.84 31.86
C SER A 551 6.88 24.93 32.64
N ILE A 552 6.42 23.88 32.01
CA ILE A 552 5.51 22.94 32.64
C ILE A 552 6.22 21.61 32.82
N ALA A 553 6.49 21.24 34.07
CA ALA A 553 7.39 20.11 34.33
C ALA A 553 6.91 19.12 35.39
N HIS A 554 7.27 17.85 35.17
CA HIS A 554 6.94 16.81 36.12
C HIS A 554 7.93 16.84 37.27
N ARG A 555 9.21 16.98 36.93
CA ARG A 555 10.29 16.98 37.91
C ARG A 555 10.62 18.39 38.42
N LEU A 556 10.36 18.63 39.70
CA LEU A 556 10.46 19.97 40.29
C LEU A 556 11.88 20.53 40.23
N SER A 557 12.87 19.64 40.42
CA SER A 557 14.28 20.03 40.47
C SER A 557 14.73 20.77 39.21
N THR A 558 14.19 20.38 38.05
CA THR A 558 14.58 20.97 36.76
C THR A 558 13.99 22.37 36.55
N ILE A 559 13.14 22.83 37.48
CA ILE A 559 12.53 24.15 37.33
C ILE A 559 12.73 24.99 38.57
N ALA A 560 13.60 24.53 39.48
CA ALA A 560 13.76 25.13 40.80
C ALA A 560 14.15 26.61 40.76
N ASP A 561 14.90 26.97 39.71
CA ASP A 561 15.42 28.33 39.54
C ASP A 561 14.43 29.34 38.95
N SER A 562 13.15 29.03 39.02
CA SER A 562 12.14 29.89 38.41
C SER A 562 12.03 31.23 39.12
N ASP A 563 11.62 32.27 38.42
CA ASP A 563 11.48 33.58 39.07
C ASP A 563 10.36 33.46 40.10
N THR A 564 9.33 32.70 39.73
CA THR A 564 8.22 32.33 40.62
C THR A 564 7.66 31.01 40.11
N ILE A 565 7.00 30.26 40.98
CA ILE A 565 6.41 29.00 40.52
C ILE A 565 4.92 28.97 40.84
N LEU A 566 4.11 28.51 39.86
CA LEU A 566 2.67 28.32 40.02
C LEU A 566 2.33 26.83 40.28
N VAL A 567 1.70 26.59 41.43
CA VAL A 567 1.35 25.24 41.88
C VAL A 567 -0.15 25.03 41.73
N LEU A 568 -0.52 24.10 40.87
CA LEU A 568 -1.92 23.83 40.61
C LEU A 568 -2.34 22.60 41.39
N ASP A 569 -3.55 22.64 41.93
CA ASP A 569 -4.16 21.46 42.51
C ASP A 569 -5.64 21.40 42.19
N GLN A 570 -6.07 20.23 41.71
CA GLN A 570 -7.46 20.03 41.35
C GLN A 570 -7.99 21.18 40.49
N GLY A 571 -7.26 21.47 39.42
CA GLY A 571 -7.70 22.45 38.47
C GLY A 571 -7.76 23.87 38.99
N ARG A 572 -7.13 24.16 40.12
CA ARG A 572 -7.09 25.55 40.58
C ARG A 572 -5.68 25.96 41.03
N LEU A 573 -5.48 27.25 41.28
CA LEU A 573 -4.17 27.67 41.77
C LEU A 573 -4.11 27.48 43.29
N ALA A 574 -3.35 26.47 43.71
CA ALA A 574 -3.24 26.16 45.13
C ALA A 574 -2.17 27.03 45.78
N GLU A 575 -0.96 26.97 45.22
CA GLU A 575 0.20 27.71 45.75
C GLU A 575 0.91 28.52 44.65
N GLN A 576 1.56 29.60 45.08
CA GLN A 576 2.31 30.49 44.20
C GLN A 576 3.50 31.18 44.90
N GLY A 577 4.71 31.00 44.36
CA GLY A 577 5.88 31.70 44.87
C GLY A 577 7.24 31.07 44.55
N SER A 578 8.31 31.69 45.07
CA SER A 578 9.68 31.27 44.79
C SER A 578 10.02 29.92 45.42
N HIS A 579 10.99 29.19 44.87
CA HIS A 579 11.28 27.82 45.36
C HIS A 579 11.48 27.79 46.87
N LEU A 580 12.18 28.80 47.38
CA LEU A 580 12.44 28.87 48.81
C LEU A 580 11.14 29.13 49.59
N ASP A 581 10.30 30.08 49.14
CA ASP A 581 9.01 30.37 49.80
C ASP A 581 8.13 29.13 49.91
N LEU A 582 8.14 28.35 48.84
CA LEU A 582 7.30 27.17 48.73
C LEU A 582 7.83 26.07 49.65
N LEU A 583 9.13 25.88 49.69
CA LEU A 583 9.66 24.89 50.59
C LEU A 583 9.40 25.31 52.05
N ARG A 584 9.36 26.63 52.26
CA ARG A 584 9.15 27.21 53.59
C ARG A 584 7.71 27.11 54.10
N ARG A 585 6.73 27.21 53.21
CA ARG A 585 5.31 27.12 53.60
C ARG A 585 4.92 25.72 54.06
N ASP A 586 5.77 24.73 53.77
CA ASP A 586 5.57 23.34 54.13
C ASP A 586 4.21 22.84 53.63
N GLY A 587 3.81 23.34 52.46
CA GLY A 587 2.52 23.01 51.88
C GLY A 587 2.65 21.95 50.82
N LEU A 588 1.84 22.08 49.76
CA LEU A 588 1.79 21.05 48.73
C LEU A 588 3.11 20.94 47.98
N TYR A 589 3.68 22.07 47.56
CA TYR A 589 4.91 21.99 46.78
C TYR A 589 5.99 21.27 47.56
N ALA A 590 6.11 21.62 48.85
CA ALA A 590 7.11 21.03 49.74
C ALA A 590 6.99 19.51 49.77
N GLU A 591 5.76 19.04 49.97
CA GLU A 591 5.47 17.61 50.06
C GLU A 591 6.02 16.89 48.83
N MSE A 592 5.47 17.30 47.68
CA MSE A 592 5.95 16.93 46.35
C MSE A 592 7.46 16.84 46.28
O MSE A 592 8.02 15.77 45.93
CB MSE A 592 5.48 17.96 45.34
CG MSE A 592 3.99 18.22 45.31
SE MSE A 592 3.36 18.79 43.52
CE MSE A 592 3.75 17.09 42.59
N TRP A 593 8.13 17.94 46.61
CA TRP A 593 9.58 18.02 46.52
C TRP A 593 10.20 16.84 47.23
N ALA A 594 9.84 16.75 48.52
CA ALA A 594 10.37 15.75 49.38
C ALA A 594 10.19 14.39 48.71
N ARG A 595 8.98 14.08 48.28
CA ARG A 595 8.72 12.73 47.78
C ARG A 595 9.63 12.40 46.62
N GLN A 596 9.76 13.33 45.68
CA GLN A 596 10.56 13.05 44.51
C GLN A 596 11.97 12.78 44.92
N ALA A 597 12.47 13.60 45.85
CA ALA A 597 13.83 13.45 46.37
C ALA A 597 14.00 12.03 46.89
N ALA A 598 13.05 11.57 47.69
CA ALA A 598 13.15 10.25 48.29
C ALA A 598 13.34 9.23 47.18
N GLU A 599 12.54 9.36 46.13
CA GLU A 599 12.57 8.42 45.01
C GLU A 599 13.96 8.40 44.38
N SER A 600 14.49 9.59 44.13
CA SER A 600 15.81 9.73 43.50
C SER A 600 16.89 9.07 44.35
N ALA A 601 16.69 9.06 45.66
CA ALA A 601 17.62 8.39 46.56
C ALA A 601 17.54 6.88 46.39
N GLU A 602 16.32 6.35 46.46
CA GLU A 602 16.11 4.91 46.46
C GLU A 602 16.64 4.28 45.17
N VAL A 603 16.30 4.88 44.03
CA VAL A 603 16.76 4.46 42.72
C VAL A 603 18.30 4.47 42.65
N SER A 604 18.94 5.41 43.34
CA SER A 604 20.40 5.49 43.36
C SER A 604 21.05 4.35 44.13
N GLU A 605 20.32 3.80 45.12
CA GLU A 605 20.87 2.73 45.94
C GLU A 605 21.01 1.41 45.14
N ALA A 606 20.07 1.15 44.26
CA ALA A 606 20.06 -0.09 43.48
C ALA A 606 21.19 -0.17 42.44
N ALA A 607 22.43 -0.32 42.92
CA ALA A 607 23.60 -0.46 42.06
C ALA A 607 24.56 -1.55 42.57
N PRO B 9 18.71 -27.39 -19.74
CA PRO B 9 17.75 -27.04 -18.67
C PRO B 9 17.81 -25.54 -18.29
N LYS B 10 18.43 -25.26 -17.15
CA LYS B 10 18.65 -23.89 -16.66
C LYS B 10 19.73 -23.24 -17.54
N ASP B 11 20.36 -24.09 -18.34
CA ASP B 11 21.32 -23.69 -19.35
C ASP B 11 20.57 -23.18 -20.62
N ALA B 12 20.09 -21.93 -20.56
CA ALA B 12 19.36 -21.29 -21.67
C ALA B 12 19.54 -19.77 -21.72
N ARG B 13 18.90 -19.13 -22.71
CA ARG B 13 19.01 -17.69 -23.01
C ARG B 13 18.44 -16.75 -21.92
N HIS B 14 17.90 -17.35 -20.85
CA HIS B 14 17.22 -16.66 -19.74
C HIS B 14 16.34 -15.48 -20.22
N ASP B 15 15.37 -15.82 -21.06
CA ASP B 15 14.46 -14.82 -21.59
C ASP B 15 13.06 -15.26 -21.17
N GLY B 16 12.04 -14.58 -21.69
CA GLY B 16 10.67 -14.88 -21.33
C GLY B 16 10.41 -16.34 -21.59
N TRP B 17 10.97 -16.86 -22.67
CA TRP B 17 10.76 -18.25 -23.03
C TRP B 17 11.23 -19.17 -21.92
N GLN B 18 12.37 -18.89 -21.31
CA GLN B 18 12.88 -19.81 -20.30
C GLN B 18 11.99 -19.80 -19.07
N THR B 19 11.56 -18.59 -18.68
CA THR B 19 10.66 -18.40 -17.55
C THR B 19 9.40 -19.21 -17.73
N LEU B 20 8.79 -19.04 -18.91
CA LEU B 20 7.56 -19.73 -19.25
C LEU B 20 7.73 -21.25 -19.35
N LYS B 21 8.83 -21.68 -19.97
CA LYS B 21 9.12 -23.10 -20.12
C LYS B 21 9.25 -23.74 -18.76
N ARG B 22 9.84 -22.97 -17.85
CA ARG B 22 9.97 -23.34 -16.46
C ARG B 22 8.61 -23.40 -15.74
N PHE B 23 7.71 -22.47 -16.09
CA PHE B 23 6.41 -22.41 -15.42
C PHE B 23 5.45 -23.49 -15.94
N LEU B 24 5.75 -24.03 -17.12
CA LEU B 24 4.85 -25.01 -17.75
C LEU B 24 4.54 -26.26 -16.90
N PRO B 25 5.55 -26.83 -16.20
CA PRO B 25 5.25 -28.01 -15.36
C PRO B 25 4.15 -27.75 -14.33
N TYR B 26 3.99 -26.49 -13.92
CA TYR B 26 2.98 -26.11 -12.94
C TYR B 26 1.57 -26.18 -13.51
N LEU B 27 1.45 -25.96 -14.83
CA LEU B 27 0.15 -26.02 -15.53
C LEU B 27 -0.19 -27.43 -15.99
N TRP B 28 0.85 -28.25 -16.16
CA TRP B 28 0.71 -29.66 -16.53
C TRP B 28 1.45 -30.50 -15.50
N PRO B 29 0.87 -30.62 -14.29
CA PRO B 29 1.53 -31.15 -13.10
C PRO B 29 2.20 -32.53 -13.24
N ALA B 30 1.48 -33.51 -13.81
CA ALA B 30 1.85 -34.93 -13.84
C ALA B 30 1.64 -35.59 -12.46
N ASP B 31 1.30 -34.77 -11.47
CA ASP B 31 1.02 -35.26 -10.14
C ASP B 31 -0.47 -35.21 -9.92
N ASN B 32 -1.09 -34.27 -10.61
CA ASN B 32 -2.53 -34.06 -10.54
C ASN B 32 -3.14 -34.48 -11.87
N ALA B 33 -4.02 -35.48 -11.88
CA ALA B 33 -4.61 -35.86 -13.16
C ALA B 33 -5.82 -34.97 -13.44
N VAL B 34 -6.46 -34.51 -12.38
CA VAL B 34 -7.66 -33.69 -12.48
C VAL B 34 -7.37 -32.39 -13.21
N LEU B 35 -6.31 -31.70 -12.81
CA LEU B 35 -5.97 -30.45 -13.46
C LEU B 35 -5.49 -30.67 -14.89
N ARG B 36 -4.87 -31.81 -15.18
CA ARG B 36 -4.49 -32.12 -16.56
C ARG B 36 -5.77 -32.24 -17.42
N ARG B 37 -6.78 -32.92 -16.87
CA ARG B 37 -8.09 -32.98 -17.51
C ARG B 37 -8.67 -31.57 -17.73
N ARG B 38 -8.53 -30.72 -16.70
CA ARG B 38 -9.02 -29.35 -16.78
C ARG B 38 -8.33 -28.55 -17.90
N VAL B 39 -7.03 -28.76 -18.08
CA VAL B 39 -6.28 -28.10 -19.15
C VAL B 39 -6.75 -28.58 -20.53
N VAL B 40 -6.91 -29.89 -20.69
CA VAL B 40 -7.43 -30.40 -21.96
C VAL B 40 -8.81 -29.77 -22.23
N GLY B 41 -9.66 -29.72 -21.22
CA GLY B 41 -10.96 -29.07 -21.34
C GLY B 41 -10.92 -27.63 -21.80
N ALA B 42 -10.01 -26.86 -21.20
CA ALA B 42 -9.86 -25.45 -21.56
C ALA B 42 -9.38 -25.28 -23.00
N ILE B 43 -8.40 -26.09 -23.40
CA ILE B 43 -7.92 -26.02 -24.78
C ILE B 43 -9.05 -26.36 -25.75
N LEU B 44 -9.85 -27.37 -25.40
CA LEU B 44 -11.01 -27.72 -26.21
C LEU B 44 -12.00 -26.55 -26.33
N MSE B 45 -12.31 -25.85 -25.23
CA MSE B 45 -13.13 -24.64 -25.36
C MSE B 45 -12.45 -23.53 -26.19
O MSE B 45 -13.11 -22.66 -26.76
CB MSE B 45 -13.48 -24.05 -24.00
CG MSE B 45 -14.03 -25.02 -23.00
SE MSE B 45 -15.67 -25.92 -23.57
CE MSE B 45 -16.81 -24.38 -23.83
N VAL B 46 -11.12 -23.55 -26.27
CA VAL B 46 -10.43 -22.56 -27.08
C VAL B 46 -10.72 -22.88 -28.53
N LEU B 47 -10.58 -24.17 -28.88
CA LEU B 47 -10.83 -24.62 -30.24
C LEU B 47 -12.31 -24.48 -30.68
N LEU B 48 -13.25 -24.83 -29.80
CA LEU B 48 -14.67 -24.62 -30.07
C LEU B 48 -14.99 -23.14 -30.25
N GLY B 49 -14.44 -22.31 -29.38
CA GLY B 49 -14.67 -20.88 -29.46
C GLY B 49 -14.15 -20.29 -30.76
N LYS B 50 -12.94 -20.67 -31.17
CA LYS B 50 -12.41 -20.19 -32.44
C LYS B 50 -13.16 -20.74 -33.65
N ALA B 51 -13.43 -22.03 -33.65
CA ALA B 51 -14.20 -22.61 -34.73
C ALA B 51 -15.46 -21.79 -34.86
N THR B 52 -16.14 -21.57 -33.74
CA THR B 52 -17.38 -20.82 -33.73
C THR B 52 -17.25 -19.42 -34.30
N THR B 53 -16.34 -18.63 -33.75
CA THR B 53 -16.27 -17.23 -34.17
C THR B 53 -15.73 -17.06 -35.58
N LEU B 54 -14.99 -18.06 -36.08
CA LEU B 54 -14.52 -18.01 -37.46
C LEU B 54 -15.65 -18.43 -38.42
N ALA B 55 -16.52 -19.30 -37.93
CA ALA B 55 -17.64 -19.80 -38.71
C ALA B 55 -18.75 -18.77 -38.83
N LEU B 56 -19.16 -18.15 -37.73
CA LEU B 56 -20.37 -17.28 -37.75
C LEU B 56 -20.40 -16.13 -38.79
N PRO B 57 -19.23 -15.60 -39.21
CA PRO B 57 -19.31 -14.61 -40.30
C PRO B 57 -19.53 -15.25 -41.67
N PHE B 58 -19.31 -16.55 -41.79
CA PHE B 58 -19.71 -17.24 -43.01
C PHE B 58 -21.24 -17.26 -43.06
N ALA B 59 -21.87 -17.40 -41.90
CA ALA B 59 -23.33 -17.39 -41.84
C ALA B 59 -23.88 -16.04 -42.29
N TYR B 60 -23.17 -14.98 -41.96
CA TYR B 60 -23.55 -13.63 -42.33
C TYR B 60 -23.42 -13.45 -43.84
N LYS B 61 -22.32 -13.94 -44.41
CA LYS B 61 -22.06 -13.83 -45.85
C LYS B 61 -23.15 -14.49 -46.67
N LYS B 62 -23.51 -15.71 -46.28
CA LYS B 62 -24.54 -16.45 -47.00
C LYS B 62 -25.88 -15.72 -46.97
N ALA B 63 -26.25 -15.13 -45.83
CA ALA B 63 -27.52 -14.41 -45.73
C ALA B 63 -27.56 -13.19 -46.66
N VAL B 64 -26.42 -12.52 -46.81
CA VAL B 64 -26.33 -11.40 -47.74
C VAL B 64 -26.38 -11.94 -49.17
N ASP B 65 -25.66 -13.04 -49.41
CA ASP B 65 -25.69 -13.69 -50.71
C ASP B 65 -27.10 -14.13 -51.08
N ALA B 66 -27.82 -14.68 -50.11
CA ALA B 66 -29.19 -15.15 -50.33
C ALA B 66 -30.12 -14.06 -50.85
N MSE B 67 -29.90 -12.82 -50.41
CA MSE B 67 -30.82 -11.70 -50.71
C MSE B 67 -30.50 -11.03 -52.03
O MSE B 67 -31.34 -10.31 -52.59
CB MSE B 67 -30.77 -10.67 -49.58
CG MSE B 67 -31.25 -11.18 -48.21
SE MSE B 67 -30.47 -10.18 -46.72
CE MSE B 67 -31.78 -8.72 -46.50
N THR B 68 -29.30 -11.28 -52.55
CA THR B 68 -28.83 -10.68 -53.81
C THR B 68 -28.77 -11.73 -54.91
N LEU B 69 -28.93 -12.98 -54.50
CA LEU B 69 -29.05 -14.11 -55.43
C LEU B 69 -30.36 -14.91 -55.25
N GLY B 70 -31.53 -14.33 -55.56
CA GLY B 70 -31.70 -12.92 -55.84
C GLY B 70 -32.38 -12.43 -57.12
N GLY B 71 -33.38 -13.16 -57.61
CA GLY B 71 -34.16 -12.67 -58.74
C GLY B 71 -35.33 -11.82 -58.23
N GLY B 72 -36.04 -12.37 -57.23
CA GLY B 72 -37.12 -11.68 -56.54
C GLY B 72 -37.04 -11.93 -55.04
N ALA B 73 -38.20 -12.15 -54.43
CA ALA B 73 -38.26 -12.55 -53.01
C ALA B 73 -38.78 -13.99 -52.93
N GLN B 74 -37.91 -14.93 -53.35
CA GLN B 74 -38.27 -16.32 -53.60
C GLN B 74 -38.10 -17.18 -52.31
N PRO B 75 -37.59 -18.45 -52.39
CA PRO B 75 -37.26 -18.97 -51.05
C PRO B 75 -36.09 -18.29 -50.35
N ALA B 76 -35.60 -17.18 -50.92
CA ALA B 76 -34.49 -16.43 -50.34
C ALA B 76 -34.83 -16.03 -48.90
N LEU B 77 -36.09 -15.71 -48.64
CA LEU B 77 -36.53 -15.40 -47.28
C LEU B 77 -36.14 -16.48 -46.29
N THR B 78 -36.52 -17.73 -46.57
CA THR B 78 -36.24 -18.81 -45.62
C THR B 78 -34.74 -19.00 -45.39
N VAL B 79 -33.96 -19.00 -46.46
CA VAL B 79 -32.51 -19.15 -46.33
C VAL B 79 -31.91 -18.00 -45.53
N ALA B 80 -32.32 -16.77 -45.84
CA ALA B 80 -31.78 -15.60 -45.16
C ALA B 80 -32.10 -15.63 -43.67
N LEU B 81 -33.35 -15.94 -43.33
CA LEU B 81 -33.73 -16.11 -41.94
C LEU B 81 -32.84 -17.16 -41.25
N ALA B 82 -32.72 -18.31 -41.89
CA ALA B 82 -31.89 -19.39 -41.37
C ALA B 82 -30.46 -18.93 -41.05
N PHE B 83 -29.82 -18.23 -41.99
CA PHE B 83 -28.43 -17.81 -41.81
C PHE B 83 -28.22 -16.64 -40.84
N VAL B 84 -29.14 -15.68 -40.76
CA VAL B 84 -28.97 -14.65 -39.73
C VAL B 84 -29.15 -15.27 -38.33
N LEU B 85 -30.13 -16.17 -38.20
CA LEU B 85 -30.34 -16.83 -36.93
C LEU B 85 -29.10 -17.66 -36.57
N ALA B 86 -28.51 -18.33 -37.56
CA ALA B 86 -27.27 -19.05 -37.31
C ALA B 86 -26.18 -18.12 -36.79
N TYR B 87 -26.10 -16.92 -37.37
CA TYR B 87 -25.10 -15.94 -36.96
C TYR B 87 -25.25 -15.53 -35.52
N ALA B 88 -26.47 -15.13 -35.15
CA ALA B 88 -26.75 -14.75 -33.76
C ALA B 88 -26.43 -15.88 -32.78
N LEU B 89 -26.93 -17.07 -33.08
CA LEU B 89 -26.64 -18.21 -32.23
C LEU B 89 -25.12 -18.44 -32.14
N GLY B 90 -24.43 -18.17 -33.24
CA GLY B 90 -22.98 -18.31 -33.30
C GLY B 90 -22.26 -17.36 -32.39
N ARG B 91 -22.63 -16.08 -32.45
CA ARG B 91 -22.04 -15.08 -31.57
C ARG B 91 -22.17 -15.48 -30.12
N PHE B 92 -23.41 -15.77 -29.74
CA PHE B 92 -23.65 -16.18 -28.37
C PHE B 92 -22.80 -17.38 -28.02
N SER B 93 -22.72 -18.37 -28.91
CA SER B 93 -21.97 -19.56 -28.57
C SER B 93 -20.47 -19.30 -28.43
N GLY B 94 -19.92 -18.40 -29.24
CA GLY B 94 -18.52 -18.03 -29.11
C GLY B 94 -18.23 -17.45 -27.71
N VAL B 95 -19.07 -16.49 -27.31
CA VAL B 95 -18.95 -15.98 -25.96
C VAL B 95 -19.06 -17.12 -24.95
N LEU B 96 -20.05 -17.99 -25.11
CA LEU B 96 -20.27 -19.08 -24.17
C LEU B 96 -19.01 -19.94 -24.01
N PHE B 97 -18.40 -20.29 -25.14
CA PHE B 97 -17.22 -21.12 -25.11
C PHE B 97 -16.09 -20.39 -24.42
N ASP B 98 -15.96 -19.10 -24.70
CA ASP B 98 -14.92 -18.30 -24.07
C ASP B 98 -15.03 -18.26 -22.54
N ASN B 99 -16.21 -17.94 -22.03
CA ASN B 99 -16.33 -17.91 -20.60
C ASN B 99 -16.21 -19.31 -19.99
N LEU B 100 -16.61 -20.34 -20.71
CA LEU B 100 -16.41 -21.68 -20.17
C LEU B 100 -14.94 -22.06 -20.08
N ARG B 101 -14.12 -21.65 -21.04
CA ARG B 101 -12.71 -21.97 -20.91
C ARG B 101 -12.14 -21.16 -19.76
N ASN B 102 -12.61 -19.91 -19.61
CA ASN B 102 -12.15 -19.15 -18.44
C ASN B 102 -12.44 -19.87 -17.14
N ILE B 103 -13.70 -20.20 -16.93
CA ILE B 103 -14.12 -20.92 -15.75
C ILE B 103 -13.37 -22.21 -15.52
N VAL B 104 -13.25 -23.05 -16.55
CA VAL B 104 -12.58 -24.34 -16.38
C VAL B 104 -11.12 -24.18 -15.99
N PHE B 105 -10.45 -23.19 -16.61
CA PHE B 105 -9.02 -23.02 -16.39
C PHE B 105 -8.67 -22.23 -15.13
N GLU B 106 -9.62 -21.47 -14.61
CA GLU B 106 -9.38 -20.67 -13.41
C GLU B 106 -8.74 -21.50 -12.30
N ARG B 107 -9.27 -22.69 -12.06
CA ARG B 107 -8.71 -23.56 -11.05
C ARG B 107 -7.25 -23.93 -11.37
N VAL B 108 -6.97 -24.14 -12.65
CA VAL B 108 -5.61 -24.47 -13.06
C VAL B 108 -4.66 -23.33 -12.74
N GLY B 109 -5.06 -22.12 -13.12
CA GLY B 109 -4.24 -20.96 -12.83
C GLY B 109 -3.98 -20.79 -11.34
N GLN B 110 -5.05 -20.85 -10.56
CA GLN B 110 -4.91 -20.66 -9.13
C GLN B 110 -4.03 -21.70 -8.47
N ASP B 111 -4.19 -22.97 -8.85
CA ASP B 111 -3.33 -23.99 -8.26
C ASP B 111 -1.87 -23.77 -8.66
N ALA B 112 -1.64 -23.48 -9.94
CA ALA B 112 -0.28 -23.35 -10.41
C ALA B 112 0.44 -22.22 -9.68
N THR B 113 -0.14 -21.03 -9.70
CA THR B 113 0.54 -19.92 -9.04
C THR B 113 0.65 -20.18 -7.53
N ARG B 114 -0.29 -20.95 -6.98
CA ARG B 114 -0.19 -21.30 -5.56
C ARG B 114 1.02 -22.17 -5.26
N HIS B 115 1.22 -23.23 -6.03
CA HIS B 115 2.37 -24.12 -5.81
C HIS B 115 3.70 -23.42 -6.09
N LEU B 116 3.75 -22.57 -7.11
CA LEU B 116 4.94 -21.75 -7.31
C LEU B 116 5.23 -20.91 -6.03
N ALA B 117 4.21 -20.22 -5.51
CA ALA B 117 4.38 -19.42 -4.31
C ALA B 117 4.87 -20.26 -3.10
N GLU B 118 4.27 -21.43 -2.96
CA GLU B 118 4.64 -22.38 -1.93
C GLU B 118 6.10 -22.84 -2.02
N ASN B 119 6.56 -23.13 -3.24
CA ASN B 119 7.97 -23.43 -3.48
C ASN B 119 8.90 -22.27 -3.10
N VAL B 120 8.52 -21.06 -3.49
CA VAL B 120 9.37 -19.93 -3.16
C VAL B 120 9.43 -19.72 -1.65
N PHE B 121 8.29 -19.87 -1.00
CA PHE B 121 8.16 -19.73 0.46
C PHE B 121 9.08 -20.72 1.14
N ALA B 122 8.96 -21.97 0.71
CA ALA B 122 9.79 -23.05 1.21
C ALA B 122 11.29 -22.77 1.06
N ARG B 123 11.72 -22.44 -0.16
CA ARG B 123 13.14 -22.22 -0.31
C ARG B 123 13.59 -21.04 0.51
N LEU B 124 12.82 -19.95 0.49
CA LEU B 124 13.19 -18.80 1.30
C LEU B 124 13.42 -19.21 2.75
N HIS B 125 12.69 -20.21 3.22
CA HIS B 125 12.99 -20.69 4.58
C HIS B 125 14.24 -21.54 4.62
N LYS B 126 14.68 -22.12 3.50
CA LYS B 126 15.97 -22.83 3.53
C LYS B 126 17.19 -21.91 3.36
N LEU B 127 16.99 -20.76 2.71
CA LEU B 127 18.10 -19.89 2.35
C LEU B 127 18.65 -19.23 3.60
N SER B 128 19.83 -18.61 3.46
CA SER B 128 20.57 -18.13 4.63
C SER B 128 20.08 -16.81 5.22
N LEU B 129 20.27 -16.70 6.54
CA LEU B 129 19.79 -15.57 7.31
C LEU B 129 20.29 -14.24 6.75
N ARG B 130 21.49 -14.25 6.18
CA ARG B 130 22.19 -13.02 5.79
C ARG B 130 21.47 -12.20 4.72
N PHE B 131 20.32 -12.69 4.26
CA PHE B 131 19.55 -11.95 3.28
C PHE B 131 18.76 -10.77 3.87
N HIS B 132 19.23 -10.25 5.01
CA HIS B 132 18.68 -9.07 5.68
C HIS B 132 17.16 -9.07 5.67
N LEU B 133 16.58 -10.12 6.26
CA LEU B 133 15.14 -10.27 6.29
C LEU B 133 14.46 -9.39 7.38
N ALA B 134 14.91 -8.14 7.47
CA ALA B 134 14.34 -7.12 8.35
C ALA B 134 13.99 -5.82 7.64
N ARG B 135 12.71 -5.58 7.38
CA ARG B 135 12.33 -4.36 6.67
C ARG B 135 11.05 -3.77 7.25
N ARG B 136 10.23 -3.23 6.36
CA ARG B 136 8.95 -2.66 6.75
C ARG B 136 7.82 -3.56 6.24
N THR B 137 6.84 -3.83 7.09
CA THR B 137 5.70 -4.69 6.72
C THR B 137 4.98 -4.17 5.49
N GLY B 138 4.71 -2.86 5.49
CA GLY B 138 3.99 -2.23 4.40
C GLY B 138 4.72 -2.32 3.07
N GLU B 139 6.06 -2.18 3.11
CA GLU B 139 6.84 -2.25 1.87
C GLU B 139 6.86 -3.63 1.26
N VAL B 140 7.28 -4.64 2.01
CA VAL B 140 7.26 -6.00 1.49
C VAL B 140 5.84 -6.42 1.08
N THR B 141 4.82 -6.05 1.84
CA THR B 141 3.46 -6.42 1.47
C THR B 141 2.99 -5.74 0.18
N LYS B 142 3.36 -4.46 0.01
CA LYS B 142 2.99 -3.73 -1.20
C LYS B 142 3.72 -4.37 -2.39
N VAL B 143 4.98 -4.74 -2.16
CA VAL B 143 5.80 -5.40 -3.18
C VAL B 143 5.21 -6.76 -3.61
N ILE B 144 4.92 -7.62 -2.64
CA ILE B 144 4.41 -8.95 -2.94
C ILE B 144 3.02 -8.88 -3.56
N GLU B 145 2.20 -7.96 -3.05
CA GLU B 145 0.92 -7.69 -3.72
C GLU B 145 1.11 -7.32 -5.17
N ARG B 146 2.05 -6.41 -5.38
CA ARG B 146 2.32 -5.87 -6.70
C ARG B 146 2.70 -7.00 -7.66
N GLY B 147 3.66 -7.79 -7.24
CA GLY B 147 4.14 -8.90 -8.03
C GLY B 147 3.14 -10.01 -8.27
N THR B 148 2.33 -10.38 -7.27
CA THR B 148 1.31 -11.42 -7.51
C THR B 148 0.29 -10.91 -8.51
N LYS B 149 -0.15 -9.66 -8.33
CA LYS B 149 -1.09 -9.08 -9.29
C LYS B 149 -0.48 -9.16 -10.69
N SER B 150 0.82 -8.90 -10.74
CA SER B 150 1.59 -8.91 -11.96
C SER B 150 1.54 -10.26 -12.66
N ILE B 151 1.99 -11.28 -11.98
CA ILE B 151 2.03 -12.59 -12.57
C ILE B 151 0.62 -13.09 -12.96
N ASP B 152 -0.40 -12.80 -12.15
CA ASP B 152 -1.75 -13.23 -12.53
C ASP B 152 -2.21 -12.56 -13.82
N THR B 153 -2.02 -11.24 -13.91
CA THR B 153 -2.42 -10.51 -15.11
C THR B 153 -1.67 -11.08 -16.32
N MSE B 154 -0.35 -11.13 -16.24
CA MSE B 154 0.50 -11.68 -17.30
C MSE B 154 0.06 -13.08 -17.73
O MSE B 154 0.09 -13.43 -18.91
CB MSE B 154 1.97 -11.71 -16.81
CG MSE B 154 3.04 -12.34 -17.69
SE MSE B 154 3.33 -14.30 -17.62
CE MSE B 154 2.84 -14.68 -15.82
N LEU B 155 -0.39 -13.87 -16.77
CA LEU B 155 -0.77 -15.24 -17.06
C LEU B 155 -2.07 -15.26 -17.84
N TYR B 156 -3.07 -14.51 -17.35
CA TYR B 156 -4.35 -14.45 -18.05
C TYR B 156 -4.18 -13.92 -19.48
N PHE B 157 -3.51 -12.76 -19.60
CA PHE B 157 -3.33 -12.20 -20.91
C PHE B 157 -2.63 -13.20 -21.80
N LEU B 158 -1.58 -13.86 -21.33
CA LEU B 158 -0.90 -14.80 -22.22
C LEU B 158 -1.81 -15.91 -22.70
N LEU B 159 -2.46 -16.59 -21.76
CA LEU B 159 -3.16 -17.80 -22.14
C LEU B 159 -4.46 -17.56 -22.89
N PHE B 160 -5.13 -16.46 -22.54
CA PHE B 160 -6.50 -16.24 -23.00
C PHE B 160 -6.72 -14.95 -23.79
N ASN B 161 -5.63 -14.41 -24.31
CA ASN B 161 -5.68 -13.32 -25.25
C ASN B 161 -4.67 -13.56 -26.37
N ILE B 162 -3.39 -13.57 -26.04
CA ILE B 162 -2.36 -13.76 -27.06
C ILE B 162 -2.44 -15.14 -27.74
N ALA B 163 -2.62 -16.21 -26.95
CA ALA B 163 -2.70 -17.54 -27.55
C ALA B 163 -3.88 -17.66 -28.55
N PRO B 164 -5.13 -17.34 -28.10
CA PRO B 164 -6.22 -17.44 -29.07
C PRO B 164 -6.02 -16.52 -30.28
N THR B 165 -5.47 -15.33 -30.06
CA THR B 165 -5.18 -14.42 -31.16
C THR B 165 -4.14 -14.95 -32.15
N VAL B 166 -3.16 -15.71 -31.69
CA VAL B 166 -2.24 -16.32 -32.65
C VAL B 166 -2.98 -17.39 -33.46
N ILE B 167 -3.76 -18.21 -32.75
CA ILE B 167 -4.58 -19.24 -33.41
C ILE B 167 -5.47 -18.62 -34.53
N GLU B 168 -6.24 -17.62 -34.13
CA GLU B 168 -7.12 -16.89 -35.03
C GLU B 168 -6.36 -16.19 -36.17
N LEU B 169 -5.20 -15.58 -35.88
CA LEU B 169 -4.44 -14.89 -36.94
C LEU B 169 -4.04 -15.89 -38.00
N THR B 170 -3.52 -17.04 -37.58
CA THR B 170 -3.13 -18.07 -38.55
C THR B 170 -4.36 -18.58 -39.33
N ALA B 171 -5.47 -18.80 -38.62
CA ALA B 171 -6.70 -19.20 -39.30
C ALA B 171 -7.06 -18.20 -40.41
N VAL B 172 -7.03 -16.92 -40.09
CA VAL B 172 -7.33 -15.89 -41.07
C VAL B 172 -6.31 -15.89 -42.23
N ILE B 173 -5.02 -16.10 -41.96
CA ILE B 173 -4.09 -16.21 -43.09
C ILE B 173 -4.52 -17.36 -44.01
N VAL B 174 -4.82 -18.52 -43.43
CA VAL B 174 -5.25 -19.68 -44.22
C VAL B 174 -6.49 -19.36 -45.07
N ILE B 175 -7.51 -18.83 -44.41
CA ILE B 175 -8.78 -18.56 -45.06
C ILE B 175 -8.68 -17.49 -46.16
N PHE B 176 -8.07 -16.35 -45.86
CA PHE B 176 -7.84 -15.31 -46.86
C PHE B 176 -7.05 -15.87 -48.02
N TRP B 177 -6.10 -16.76 -47.71
CA TRP B 177 -5.30 -17.39 -48.76
C TRP B 177 -6.15 -18.22 -49.71
N LEU B 178 -6.99 -19.09 -49.15
CA LEU B 178 -7.80 -20.00 -49.98
C LEU B 178 -8.93 -19.31 -50.75
N ASN B 179 -9.44 -18.19 -50.25
CA ASN B 179 -10.64 -17.62 -50.86
C ASN B 179 -10.49 -16.22 -51.45
N PHE B 180 -9.32 -15.59 -51.28
CA PHE B 180 -9.11 -14.26 -51.88
C PHE B 180 -7.65 -14.05 -52.19
N GLY B 181 -7.32 -12.80 -52.45
CA GLY B 181 -5.94 -12.33 -52.43
C GLY B 181 -5.11 -12.68 -53.66
N LEU B 182 -3.87 -13.13 -53.43
CA LEU B 182 -3.30 -13.27 -52.09
C LEU B 182 -2.84 -11.91 -51.58
N GLY B 183 -3.03 -10.88 -52.40
CA GLY B 183 -2.71 -9.52 -52.01
C GLY B 183 -3.41 -9.13 -50.73
N LEU B 184 -4.60 -9.69 -50.50
CA LEU B 184 -5.33 -9.50 -49.26
C LEU B 184 -4.56 -10.06 -48.05
N VAL B 185 -4.03 -11.28 -48.20
CA VAL B 185 -3.24 -11.91 -47.16
C VAL B 185 -2.06 -11.03 -46.76
N THR B 186 -1.28 -10.63 -47.75
CA THR B 186 -0.10 -9.81 -47.50
C THR B 186 -0.49 -8.45 -46.92
N ALA B 187 -1.64 -7.93 -47.32
CA ALA B 187 -2.11 -6.67 -46.77
C ALA B 187 -2.40 -6.80 -45.27
N THR B 188 -3.12 -7.84 -44.86
CA THR B 188 -3.42 -7.99 -43.43
C THR B 188 -2.17 -8.36 -42.61
N ILE B 189 -1.26 -9.15 -43.18
CA ILE B 189 0.01 -9.46 -42.52
C ILE B 189 0.85 -8.22 -42.26
N LEU B 190 1.06 -7.42 -43.31
CA LEU B 190 1.73 -6.15 -43.17
C LEU B 190 1.00 -5.29 -42.13
N ALA B 191 -0.33 -5.34 -42.13
CA ALA B 191 -1.11 -4.56 -41.17
C ALA B 191 -0.79 -4.93 -39.73
N VAL B 192 -0.87 -6.23 -39.44
CA VAL B 192 -0.64 -6.74 -38.09
C VAL B 192 0.79 -6.44 -37.66
N ILE B 193 1.77 -6.67 -38.53
CA ILE B 193 3.17 -6.36 -38.19
C ILE B 193 3.35 -4.87 -37.83
N ALA B 194 2.84 -3.97 -38.67
CA ALA B 194 2.93 -2.54 -38.36
C ALA B 194 2.21 -2.21 -37.05
N TYR B 195 1.08 -2.86 -36.82
CA TYR B 195 0.29 -2.63 -35.63
C TYR B 195 1.06 -3.02 -34.37
N VAL B 196 1.72 -4.17 -34.45
CA VAL B 196 2.49 -4.69 -33.34
C VAL B 196 3.69 -3.77 -33.06
N TRP B 197 4.46 -3.48 -34.10
CA TRP B 197 5.66 -2.67 -33.95
C TRP B 197 5.31 -1.28 -33.38
N THR B 198 4.31 -0.66 -33.96
CA THR B 198 3.85 0.65 -33.52
C THR B 198 3.45 0.61 -32.04
N THR B 199 2.59 -0.37 -31.70
CA THR B 199 2.09 -0.53 -30.34
C THR B 199 3.23 -0.76 -29.32
N ARG B 200 4.20 -1.56 -29.73
CA ARG B 200 5.36 -1.87 -28.88
C ARG B 200 6.15 -0.59 -28.55
N THR B 201 6.64 0.11 -29.58
CA THR B 201 7.49 1.27 -29.29
C THR B 201 6.74 2.35 -28.51
N ILE B 202 5.51 2.62 -28.94
CA ILE B 202 4.76 3.62 -28.20
C ILE B 202 4.58 3.15 -26.76
N THR B 203 4.34 1.85 -26.55
CA THR B 203 4.14 1.35 -25.18
C THR B 203 5.40 1.57 -24.30
N GLU B 204 6.59 1.39 -24.86
CA GLU B 204 7.82 1.62 -24.10
C GLU B 204 7.91 3.08 -23.61
N TRP B 205 7.70 4.01 -24.54
CA TRP B 205 7.65 5.43 -24.15
C TRP B 205 6.58 5.70 -23.05
N ARG B 206 5.39 5.13 -23.24
CA ARG B 206 4.28 5.30 -22.31
C ARG B 206 4.53 4.74 -20.91
N THR B 207 5.27 3.64 -20.84
CA THR B 207 5.60 3.04 -19.53
C THR B 207 6.56 3.95 -18.79
N HIS B 208 7.56 4.50 -19.50
CA HIS B 208 8.41 5.49 -18.82
C HIS B 208 7.60 6.67 -18.26
N LEU B 209 6.69 7.22 -19.08
CA LEU B 209 5.81 8.32 -18.62
C LEU B 209 4.93 7.93 -17.40
N ARG B 210 4.46 6.69 -17.40
CA ARG B 210 3.63 6.16 -16.32
C ARG B 210 4.43 6.08 -15.02
N GLU B 211 5.66 5.58 -15.11
CA GLU B 211 6.55 5.48 -13.97
C GLU B 211 6.80 6.86 -13.35
N LYS B 212 7.09 7.84 -14.20
CA LYS B 212 7.24 9.21 -13.73
C LYS B 212 6.00 9.70 -12.98
N MSE B 213 4.84 9.39 -13.56
CA MSE B 213 3.57 9.88 -13.05
C MSE B 213 3.23 9.28 -11.68
O MSE B 213 2.72 9.99 -10.78
CB MSE B 213 2.49 9.59 -14.07
CG MSE B 213 1.10 9.76 -13.54
SE MSE B 213 -0.17 8.90 -14.70
CE MSE B 213 -1.58 8.76 -13.34
N ASN B 214 3.54 8.00 -11.52
CA ASN B 214 3.39 7.32 -10.25
C ASN B 214 4.33 7.88 -9.17
N ARG B 215 5.58 8.13 -9.55
CA ARG B 215 6.52 8.75 -8.62
C ARG B 215 5.98 10.10 -8.12
N LEU B 216 5.50 10.92 -9.05
CA LEU B 216 4.96 12.25 -8.71
C LEU B 216 3.74 12.23 -7.78
N ASP B 217 2.85 11.28 -8.08
CA ASP B 217 1.67 11.02 -7.26
C ASP B 217 2.07 10.67 -5.83
N GLY B 218 2.99 9.70 -5.74
CA GLY B 218 3.51 9.27 -4.47
C GLY B 218 4.08 10.42 -3.68
N GLN B 219 4.82 11.29 -4.35
CA GLN B 219 5.43 12.42 -3.64
C GLN B 219 4.37 13.38 -3.10
N ALA B 220 3.35 13.67 -3.91
CA ALA B 220 2.31 14.62 -3.50
C ALA B 220 1.55 14.09 -2.29
N LEU B 221 1.11 12.84 -2.42
CA LEU B 221 0.38 12.16 -1.36
C LEU B 221 1.19 12.13 -0.07
N ALA B 222 2.46 11.78 -0.20
CA ALA B 222 3.35 11.72 0.94
C ALA B 222 3.40 13.07 1.64
N ARG B 223 3.47 14.14 0.85
CA ARG B 223 3.47 15.49 1.43
C ARG B 223 2.20 15.77 2.23
N ALA B 224 1.06 15.41 1.65
CA ALA B 224 -0.22 15.59 2.35
C ALA B 224 -0.30 14.84 3.69
N VAL B 225 0.04 13.55 3.63
CA VAL B 225 -0.07 12.68 4.80
C VAL B 225 0.89 13.12 5.90
N ASP B 226 2.13 13.41 5.53
CA ASP B 226 3.08 13.85 6.53
C ASP B 226 2.63 15.19 7.10
N SER B 227 1.92 15.98 6.32
CA SER B 227 1.37 17.21 6.86
C SER B 227 0.30 16.97 7.93
N LEU B 228 -0.61 16.04 7.65
CA LEU B 228 -1.74 15.78 8.54
C LEU B 228 -1.32 15.06 9.81
N LEU B 229 -0.47 14.05 9.69
CA LEU B 229 -0.06 13.31 10.88
C LEU B 229 0.76 14.21 11.81
N ASN B 230 1.15 15.38 11.32
CA ASN B 230 1.88 16.33 12.15
C ASN B 230 1.11 17.63 12.34
N TYR B 231 -0.21 17.51 12.42
CA TYR B 231 -1.15 18.63 12.61
C TYR B 231 -0.73 19.56 13.73
N GLU B 232 -0.35 18.95 14.85
CA GLU B 232 0.10 19.71 16.01
C GLU B 232 1.23 20.67 15.65
N THR B 233 2.26 20.16 14.96
CA THR B 233 3.44 20.94 14.66
C THR B 233 3.11 22.10 13.72
N VAL B 234 2.33 21.78 12.67
CA VAL B 234 1.84 22.76 11.69
C VAL B 234 1.04 23.85 12.36
N LYS B 235 0.25 23.46 13.34
CA LYS B 235 -0.47 24.43 14.15
C LYS B 235 0.47 25.33 14.96
N TYR B 236 1.46 24.73 15.62
CA TYR B 236 2.43 25.44 16.46
C TYR B 236 3.17 26.55 15.72
N PHE B 237 3.47 26.34 14.43
CA PHE B 237 4.22 27.35 13.69
C PHE B 237 3.36 28.02 12.61
N GLY B 238 2.05 27.97 12.82
CA GLY B 238 1.07 28.64 11.96
C GLY B 238 1.33 28.39 10.49
N ALA B 239 1.83 27.20 10.20
CA ALA B 239 2.38 26.87 8.89
C ALA B 239 1.36 26.24 7.94
N GLU B 240 0.07 26.48 8.19
CA GLU B 240 -0.99 25.94 7.34
C GLU B 240 -0.85 26.35 5.88
N SER B 241 -0.84 27.67 5.65
CA SER B 241 -0.72 28.22 4.30
C SER B 241 0.48 27.64 3.59
N ARG B 242 1.59 27.56 4.32
CA ARG B 242 2.82 27.04 3.78
C ARG B 242 2.70 25.57 3.33
N GLU B 243 2.12 24.72 4.19
CA GLU B 243 1.93 23.30 3.88
C GLU B 243 0.94 23.06 2.76
N GLU B 244 -0.07 23.93 2.68
CA GLU B 244 -1.08 23.92 1.62
C GLU B 244 -0.46 24.22 0.27
N ALA B 245 0.37 25.26 0.24
CA ALA B 245 1.07 25.63 -0.98
C ALA B 245 1.99 24.49 -1.39
N ARG B 246 2.61 23.90 -0.38
CA ARG B 246 3.52 22.77 -0.57
C ARG B 246 2.79 21.58 -1.19
N TYR B 247 1.52 21.42 -0.84
CA TYR B 247 0.79 20.32 -1.45
C TYR B 247 0.32 20.70 -2.85
N ALA B 248 -0.06 21.96 -3.04
CA ALA B 248 -0.59 22.40 -4.33
C ALA B 248 0.45 22.16 -5.41
N SER B 249 1.70 22.55 -5.16
CA SER B 249 2.72 22.39 -6.19
C SER B 249 2.98 20.93 -6.56
N ALA B 250 3.09 20.07 -5.56
CA ALA B 250 3.33 18.67 -5.80
C ALA B 250 2.18 18.07 -6.60
N ALA B 251 0.98 18.54 -6.27
CA ALA B 251 -0.26 18.11 -6.91
C ALA B 251 -0.36 18.53 -8.39
N ARG B 252 0.08 19.76 -8.68
CA ARG B 252 0.17 20.27 -10.02
C ARG B 252 1.17 19.46 -10.84
N ALA B 253 2.33 19.20 -10.24
CA ALA B 253 3.32 18.37 -10.88
C ALA B 253 2.72 17.04 -11.30
N TYR B 254 2.03 16.42 -10.35
CA TYR B 254 1.35 15.17 -10.67
C TYR B 254 0.36 15.34 -11.82
N ALA B 255 -0.46 16.38 -11.78
CA ALA B 255 -1.49 16.57 -12.80
C ALA B 255 -0.89 16.67 -14.20
N ASP B 256 0.19 17.45 -14.32
CA ASP B 256 0.87 17.59 -15.60
C ASP B 256 1.34 16.23 -16.08
N ALA B 257 1.96 15.47 -15.19
CA ALA B 257 2.44 14.14 -15.57
C ALA B 257 1.32 13.25 -16.07
N ALA B 258 0.17 13.37 -15.40
CA ALA B 258 -0.99 12.57 -15.77
C ALA B 258 -1.47 12.96 -17.16
N VAL B 259 -1.61 14.25 -17.39
CA VAL B 259 -2.07 14.76 -18.69
C VAL B 259 -1.17 14.27 -19.81
N LYS B 260 0.14 14.41 -19.62
CA LYS B 260 1.09 13.92 -20.61
C LYS B 260 0.93 12.42 -20.86
N SER B 261 0.78 11.66 -19.79
CA SER B 261 0.68 10.22 -19.95
C SER B 261 -0.59 9.85 -20.76
N GLU B 262 -1.71 10.49 -20.43
CA GLU B 262 -2.99 10.17 -21.09
C GLU B 262 -2.99 10.69 -22.54
N ASN B 263 -2.19 11.71 -22.81
CA ASN B 263 -1.99 12.20 -24.19
C ASN B 263 -1.29 11.13 -25.00
N SER B 264 -0.21 10.60 -24.46
CA SER B 264 0.52 9.57 -25.17
C SER B 264 -0.39 8.38 -25.44
N LEU B 265 -1.32 8.13 -24.51
CA LEU B 265 -2.29 7.08 -24.79
C LEU B 265 -3.09 7.46 -26.04
N GLY B 266 -3.53 8.71 -26.09
CA GLY B 266 -4.27 9.17 -27.25
C GLY B 266 -3.51 8.92 -28.56
N LEU B 267 -2.23 9.27 -28.60
CA LEU B 267 -1.43 9.01 -29.78
C LEU B 267 -1.33 7.52 -30.09
N LEU B 268 -1.21 6.68 -29.07
CA LEU B 268 -1.16 5.24 -29.35
C LEU B 268 -2.44 4.74 -30.04
N ASN B 269 -3.58 5.18 -29.53
CA ASN B 269 -4.87 4.81 -30.11
C ASN B 269 -5.09 5.35 -31.52
N ILE B 270 -4.76 6.62 -31.74
CA ILE B 270 -4.83 7.21 -33.07
C ILE B 270 -3.99 6.42 -34.06
N ALA B 271 -2.72 6.16 -33.74
CA ALA B 271 -1.85 5.35 -34.61
C ALA B 271 -2.43 3.96 -34.91
N GLN B 272 -2.95 3.32 -33.87
CA GLN B 272 -3.54 1.99 -34.01
C GLN B 272 -4.69 2.03 -35.00
N ALA B 273 -5.59 2.98 -34.81
CA ALA B 273 -6.77 3.11 -35.65
C ALA B 273 -6.36 3.47 -37.08
N LEU B 274 -5.30 4.25 -37.23
CA LEU B 274 -4.81 4.58 -38.55
C LEU B 274 -4.46 3.28 -39.25
N ILE B 275 -3.64 2.45 -38.63
CA ILE B 275 -3.28 1.18 -39.27
C ILE B 275 -4.51 0.32 -39.59
N VAL B 276 -5.30 0.03 -38.56
CA VAL B 276 -6.50 -0.80 -38.75
C VAL B 276 -7.34 -0.30 -39.91
N ASN B 277 -7.65 0.99 -39.91
CA ASN B 277 -8.58 1.53 -40.90
C ASN B 277 -8.02 1.77 -42.30
N LEU B 278 -6.72 2.00 -42.43
CA LEU B 278 -6.10 1.94 -43.74
C LEU B 278 -6.32 0.54 -44.28
N LEU B 279 -6.03 -0.47 -43.47
CA LEU B 279 -6.25 -1.84 -43.94
C LEU B 279 -7.71 -2.09 -44.29
N MSE B 280 -8.61 -1.50 -43.51
CA MSE B 280 -10.04 -1.65 -43.72
C MSE B 280 -10.47 -1.03 -45.07
O MSE B 280 -11.21 -1.65 -45.86
CB MSE B 280 -10.79 -1.00 -42.56
CG MSE B 280 -12.25 -1.38 -42.46
SE MSE B 280 -12.52 -3.19 -41.79
CE MSE B 280 -11.92 -2.94 -39.94
N ALA B 281 -9.98 0.18 -45.32
CA ALA B 281 -10.23 0.86 -46.59
C ALA B 281 -9.73 0.01 -47.76
N GLY B 282 -8.45 -0.31 -47.76
CA GLY B 282 -7.89 -1.08 -48.85
C GLY B 282 -8.57 -2.42 -49.10
N ALA B 283 -8.80 -3.19 -48.03
CA ALA B 283 -9.37 -4.51 -48.17
C ALA B 283 -10.79 -4.46 -48.68
N MSE B 284 -11.60 -3.57 -48.08
CA MSE B 284 -13.00 -3.47 -48.51
C MSE B 284 -13.14 -2.93 -49.96
O MSE B 284 -13.98 -3.41 -50.74
CB MSE B 284 -13.76 -2.59 -47.53
CG MSE B 284 -14.10 -3.29 -46.23
SE MSE B 284 -15.16 -2.11 -45.07
CE MSE B 284 -16.91 -2.91 -45.33
N ALA B 285 -12.31 -1.95 -50.32
CA ALA B 285 -12.24 -1.44 -51.68
C ALA B 285 -11.92 -2.57 -52.66
N TRP B 286 -10.83 -3.29 -52.41
CA TRP B 286 -10.44 -4.39 -53.29
C TRP B 286 -11.51 -5.49 -53.36
N THR B 287 -12.24 -5.69 -52.26
CA THR B 287 -13.30 -6.69 -52.28
C THR B 287 -14.41 -6.24 -53.20
N VAL B 288 -14.78 -4.96 -53.12
CA VAL B 288 -15.85 -4.42 -53.99
C VAL B 288 -15.43 -4.47 -55.47
N TYR B 289 -14.21 -4.03 -55.78
CA TYR B 289 -13.67 -4.15 -57.14
C TYR B 289 -13.64 -5.59 -57.62
N GLY B 290 -13.42 -6.54 -56.73
CA GLY B 290 -13.50 -7.94 -57.08
C GLY B 290 -14.92 -8.39 -57.39
N TRP B 291 -15.90 -7.77 -56.73
CA TRP B 291 -17.31 -8.06 -56.99
C TRP B 291 -17.76 -7.51 -58.34
N SER B 292 -17.24 -6.33 -58.65
CA SER B 292 -17.51 -5.64 -59.89
C SER B 292 -17.14 -6.53 -61.07
N GLN B 293 -16.17 -7.43 -60.87
CA GLN B 293 -15.75 -8.35 -61.92
C GLN B 293 -16.49 -9.70 -61.85
N GLY B 294 -17.47 -9.78 -60.95
CA GLY B 294 -18.28 -10.98 -60.79
C GLY B 294 -17.56 -12.17 -60.19
N LYS B 295 -16.33 -11.95 -59.69
CA LYS B 295 -15.48 -12.98 -59.07
C LYS B 295 -15.85 -13.22 -57.61
N LEU B 296 -16.26 -12.15 -56.94
CA LEU B 296 -16.59 -12.21 -55.53
C LEU B 296 -18.02 -11.76 -55.35
N THR B 297 -18.73 -12.37 -54.41
CA THR B 297 -20.12 -12.00 -54.14
C THR B 297 -20.20 -10.74 -53.29
N VAL B 298 -21.41 -10.25 -53.05
CA VAL B 298 -21.61 -9.08 -52.20
C VAL B 298 -21.49 -9.48 -50.74
N GLY B 299 -21.78 -10.74 -50.43
CA GLY B 299 -21.57 -11.24 -49.08
C GLY B 299 -20.10 -11.23 -48.65
N ASP B 300 -19.19 -11.21 -49.63
CA ASP B 300 -17.75 -11.16 -49.38
C ASP B 300 -17.30 -9.83 -48.79
N LEU B 301 -18.05 -8.75 -49.01
CA LEU B 301 -17.73 -7.46 -48.39
C LEU B 301 -17.98 -7.54 -46.89
N VAL B 302 -19.19 -7.97 -46.54
CA VAL B 302 -19.52 -8.19 -45.13
C VAL B 302 -18.54 -9.17 -44.49
N PHE B 303 -18.24 -10.26 -45.19
CA PHE B 303 -17.32 -11.28 -44.69
C PHE B 303 -15.95 -10.71 -44.36
N VAL B 304 -15.31 -10.08 -45.34
CA VAL B 304 -13.97 -9.53 -45.10
C VAL B 304 -13.99 -8.50 -43.96
N ASN B 305 -14.98 -7.60 -43.97
CA ASN B 305 -15.09 -6.62 -42.92
C ASN B 305 -15.18 -7.27 -41.53
N THR B 306 -16.09 -8.23 -41.38
CA THR B 306 -16.27 -8.92 -40.10
C THR B 306 -15.01 -9.65 -39.61
N TYR B 307 -14.34 -10.38 -40.51
CA TYR B 307 -13.09 -11.05 -40.20
C TYR B 307 -12.03 -10.08 -39.69
N LEU B 308 -11.88 -8.95 -40.37
CA LEU B 308 -10.87 -7.98 -39.93
C LEU B 308 -11.21 -7.36 -38.58
N THR B 309 -12.47 -6.98 -38.36
CA THR B 309 -12.80 -6.39 -37.06
C THR B 309 -12.65 -7.39 -35.90
N GLN B 310 -13.07 -8.63 -36.13
CA GLN B 310 -12.88 -9.69 -35.15
C GLN B 310 -11.40 -9.94 -34.87
N LEU B 311 -10.58 -9.86 -35.91
CA LEU B 311 -9.15 -10.08 -35.74
C LEU B 311 -8.56 -9.00 -34.87
N PHE B 312 -8.86 -7.75 -35.17
CA PHE B 312 -8.19 -6.67 -34.47
C PHE B 312 -8.86 -6.24 -33.17
N ARG B 313 -9.97 -6.88 -32.79
CA ARG B 313 -10.58 -6.56 -31.49
C ARG B 313 -9.69 -6.98 -30.29
N PRO B 314 -9.12 -8.21 -30.31
CA PRO B 314 -8.23 -8.46 -29.17
C PRO B 314 -6.95 -7.61 -29.19
N LEU B 315 -6.44 -7.22 -30.35
CA LEU B 315 -5.25 -6.37 -30.40
C LEU B 315 -5.59 -4.94 -30.01
N ASP B 316 -6.83 -4.72 -29.58
CA ASP B 316 -7.24 -3.39 -29.18
C ASP B 316 -6.43 -2.98 -27.99
N MSE B 317 -6.25 -3.93 -27.06
CA MSE B 317 -5.57 -3.69 -25.80
C MSE B 317 -4.07 -4.02 -25.82
O MSE B 317 -3.43 -3.93 -24.79
CB MSE B 317 -6.23 -4.49 -24.67
CG MSE B 317 -7.63 -4.03 -24.34
SE MSE B 317 -8.59 -5.24 -23.13
CE MSE B 317 -10.38 -4.43 -23.23
N LEU B 318 -3.51 -4.36 -26.99
CA LEU B 318 -2.15 -4.91 -27.08
C LEU B 318 -1.14 -4.09 -26.27
N GLY B 319 -1.35 -2.78 -26.17
CA GLY B 319 -0.46 -1.91 -25.43
C GLY B 319 -0.34 -2.37 -24.00
N MSE B 320 -1.41 -2.21 -23.21
CA MSE B 320 -1.43 -2.68 -21.82
C MSE B 320 -0.96 -4.12 -21.71
O MSE B 320 -0.05 -4.39 -20.92
CB MSE B 320 -2.82 -2.56 -21.22
CG MSE B 320 -3.10 -3.64 -20.21
SE MSE B 320 -4.85 -3.49 -19.40
CE MSE B 320 -4.68 -1.71 -18.60
N VAL B 321 -1.53 -5.01 -22.52
CA VAL B 321 -1.08 -6.40 -22.52
C VAL B 321 0.44 -6.50 -22.61
N TYR B 322 1.03 -5.86 -23.60
CA TYR B 322 2.48 -5.94 -23.75
C TYR B 322 3.19 -5.39 -22.52
N ARG B 323 2.73 -4.27 -21.96
CA ARG B 323 3.40 -3.77 -20.76
C ARG B 323 3.29 -4.84 -19.68
N THR B 324 2.09 -5.36 -19.54
CA THR B 324 1.76 -6.17 -18.40
C THR B 324 2.52 -7.47 -18.50
N ILE B 325 2.40 -8.12 -19.64
CA ILE B 325 3.10 -9.38 -19.87
C ILE B 325 4.58 -9.17 -19.59
N ARG B 326 5.15 -8.07 -20.08
CA ARG B 326 6.58 -7.84 -19.89
C ARG B 326 6.92 -7.91 -18.41
N GLN B 327 6.23 -7.08 -17.62
CA GLN B 327 6.52 -6.98 -16.19
C GLN B 327 6.31 -8.30 -15.50
N GLY B 328 5.26 -9.01 -15.89
CA GLY B 328 4.95 -10.27 -15.26
C GLY B 328 6.13 -11.19 -15.46
N LEU B 329 6.64 -11.26 -16.68
CA LEU B 329 7.74 -12.17 -16.99
C LEU B 329 9.01 -11.81 -16.20
N ILE B 330 9.14 -10.53 -15.89
CA ILE B 330 10.23 -10.06 -15.07
C ILE B 330 10.07 -10.64 -13.66
N ASP B 331 8.90 -10.38 -13.09
CA ASP B 331 8.61 -10.73 -11.72
C ASP B 331 8.68 -12.21 -11.51
N MSE B 332 8.15 -12.97 -12.44
CA MSE B 332 8.27 -14.42 -12.34
C MSE B 332 9.73 -14.88 -12.38
O MSE B 332 10.13 -15.77 -11.63
CB MSE B 332 7.46 -15.11 -13.44
CG MSE B 332 7.27 -16.55 -13.11
SE MSE B 332 6.23 -17.50 -14.37
CE MSE B 332 4.54 -17.31 -13.48
N ALA B 333 10.52 -14.23 -13.24
CA ALA B 333 11.93 -14.57 -13.31
C ALA B 333 12.52 -14.47 -11.94
N GLU B 334 12.15 -13.38 -11.27
CA GLU B 334 12.64 -13.06 -9.94
C GLU B 334 12.40 -14.20 -8.96
N MSE B 335 11.17 -14.71 -8.98
CA MSE B 335 10.76 -15.88 -8.20
C MSE B 335 11.74 -17.02 -8.38
O MSE B 335 12.25 -17.56 -7.41
CB MSE B 335 9.34 -16.33 -8.61
CG MSE B 335 8.26 -15.33 -8.27
SE MSE B 335 8.35 -14.92 -6.36
CE MSE B 335 9.60 -13.38 -6.31
N PHE B 336 12.03 -17.36 -9.63
CA PHE B 336 12.89 -18.48 -9.92
C PHE B 336 14.35 -18.23 -9.45
N ARG B 337 14.79 -16.96 -9.48
CA ARG B 337 16.12 -16.62 -8.99
C ARG B 337 16.22 -17.08 -7.53
N LEU B 338 15.17 -16.83 -6.74
CA LEU B 338 15.17 -17.22 -5.36
C LEU B 338 15.28 -18.71 -5.25
N ILE B 339 14.46 -19.42 -6.01
CA ILE B 339 14.43 -20.87 -5.95
C ILE B 339 15.80 -21.40 -6.39
N ASP B 340 16.51 -20.60 -7.16
CA ASP B 340 17.76 -21.06 -7.70
C ASP B 340 18.94 -20.66 -6.87
N THR B 341 18.81 -19.61 -6.05
CA THR B 341 19.93 -19.23 -5.16
C THR B 341 20.34 -20.39 -4.28
N HIS B 342 21.64 -20.57 -4.10
CA HIS B 342 22.12 -21.77 -3.44
C HIS B 342 22.07 -21.60 -1.97
N ILE B 343 21.89 -22.72 -1.27
CA ILE B 343 21.72 -22.70 0.19
C ILE B 343 23.08 -22.76 0.91
N GLU B 344 23.44 -21.68 1.59
CA GLU B 344 24.76 -21.57 2.22
C GLU B 344 25.06 -22.67 3.27
N VAL B 345 24.11 -22.95 4.16
CA VAL B 345 24.30 -23.98 5.18
C VAL B 345 23.43 -25.23 4.97
N ALA B 346 24.05 -26.36 4.61
CA ALA B 346 23.28 -27.59 4.37
C ALA B 346 23.72 -28.74 5.26
N ASP B 347 22.82 -29.70 5.50
CA ASP B 347 23.19 -30.94 6.19
C ASP B 347 24.14 -31.67 5.28
N VAL B 348 25.13 -32.35 5.81
CA VAL B 348 26.00 -33.17 4.97
C VAL B 348 25.16 -34.35 4.50
N PRO B 349 25.60 -35.04 3.42
CA PRO B 349 24.92 -36.27 2.98
C PRO B 349 24.84 -37.30 4.11
N ASN B 350 23.64 -37.85 4.32
CA ASN B 350 23.38 -38.87 5.34
C ASN B 350 23.78 -38.41 6.74
N ALA B 351 23.48 -37.16 7.05
CA ALA B 351 23.79 -36.63 8.36
C ALA B 351 22.92 -37.35 9.36
N PRO B 352 23.55 -37.87 10.45
CA PRO B 352 22.93 -38.50 11.62
C PRO B 352 22.32 -37.46 12.52
N ALA B 353 21.47 -37.85 13.44
CA ALA B 353 20.97 -36.86 14.38
C ALA B 353 22.02 -36.57 15.47
N LEU B 354 21.88 -35.40 16.06
CA LEU B 354 22.61 -35.05 17.25
C LEU B 354 21.96 -35.85 18.35
N VAL B 355 22.80 -36.45 19.20
CA VAL B 355 22.33 -37.18 20.35
C VAL B 355 22.88 -36.53 21.60
N VAL B 356 22.02 -35.81 22.31
CA VAL B 356 22.46 -35.12 23.53
C VAL B 356 22.29 -36.01 24.75
N ASN B 357 23.35 -36.70 25.14
CA ASN B 357 23.37 -37.49 26.38
C ASN B 357 24.08 -36.74 27.50
N ARG B 358 25.15 -36.04 27.12
CA ARG B 358 25.89 -35.16 28.01
C ARG B 358 26.07 -33.78 27.33
N PRO B 359 25.26 -32.79 27.75
CA PRO B 359 25.17 -31.48 27.10
C PRO B 359 26.34 -30.52 27.36
N SER B 360 27.51 -30.91 26.86
CA SER B 360 28.64 -30.02 26.84
C SER B 360 28.66 -29.27 25.52
N VAL B 361 29.22 -28.05 25.56
CA VAL B 361 29.36 -27.23 24.36
C VAL B 361 30.81 -26.89 24.20
N THR B 362 31.37 -27.18 23.04
CA THR B 362 32.81 -26.95 22.81
C THR B 362 33.03 -26.03 21.61
N PHE B 363 33.71 -24.91 21.78
CA PHE B 363 34.24 -24.14 20.66
C PHE B 363 35.70 -24.55 20.46
N ASP B 364 36.03 -25.06 19.26
CA ASP B 364 37.38 -25.51 18.94
C ASP B 364 38.02 -24.61 17.91
N ASN B 365 38.75 -23.60 18.40
CA ASN B 365 39.55 -22.76 17.52
C ASN B 365 38.74 -22.18 16.35
N VAL B 366 37.63 -21.56 16.70
CA VAL B 366 36.70 -21.05 15.72
C VAL B 366 37.15 -19.73 15.10
N VAL B 367 37.28 -19.72 13.77
CA VAL B 367 37.57 -18.50 13.00
C VAL B 367 36.32 -18.20 12.21
N PHE B 368 35.85 -16.95 12.24
CA PHE B 368 34.58 -16.60 11.60
C PHE B 368 34.43 -15.08 11.48
N GLY B 369 33.64 -14.65 10.52
CA GLY B 369 33.25 -13.27 10.39
C GLY B 369 32.07 -13.34 9.45
N TYR B 370 31.20 -12.33 9.45
CA TYR B 370 30.04 -12.43 8.57
C TYR B 370 30.47 -12.25 7.10
N ASP B 371 31.49 -11.44 6.86
CA ASP B 371 32.06 -11.25 5.53
C ASP B 371 33.56 -11.51 5.52
N ARG B 372 34.12 -11.99 4.40
CA ARG B 372 35.50 -12.46 4.45
C ARG B 372 36.50 -11.32 4.62
N ASP B 373 36.07 -10.06 4.43
CA ASP B 373 37.01 -8.95 4.59
C ASP B 373 37.02 -8.39 6.01
N ARG B 374 36.17 -8.94 6.87
CA ARG B 374 36.16 -8.49 8.25
C ARG B 374 36.00 -9.68 9.19
N GLU B 375 37.13 -10.17 9.68
CA GLU B 375 37.19 -11.30 10.57
C GLU B 375 36.85 -10.87 11.99
N ILE B 376 36.04 -11.67 12.69
CA ILE B 376 35.60 -11.30 14.03
C ILE B 376 36.17 -12.20 15.14
N LEU B 377 35.98 -13.51 14.97
CA LEU B 377 36.59 -14.51 15.85
C LEU B 377 37.87 -15.00 15.22
N HIS B 378 38.98 -14.90 15.95
CA HIS B 378 40.29 -15.20 15.41
C HIS B 378 40.88 -16.49 15.97
N GLY B 379 40.03 -17.46 16.27
CA GLY B 379 40.50 -18.71 16.84
C GLY B 379 39.97 -18.83 18.26
N LEU B 380 38.65 -18.76 18.42
CA LEU B 380 38.01 -18.80 19.74
C LEU B 380 37.87 -20.23 20.25
N SER B 381 38.33 -20.49 21.50
CA SER B 381 38.26 -21.86 22.07
C SER B 381 37.73 -21.89 23.50
N PHE B 382 36.77 -22.76 23.78
CA PHE B 382 36.31 -22.94 25.15
C PHE B 382 35.46 -24.17 25.36
N GLU B 383 35.32 -24.55 26.61
CA GLU B 383 34.54 -25.72 27.00
C GLU B 383 33.47 -25.32 27.95
N VAL B 384 32.22 -25.55 27.62
CA VAL B 384 31.19 -25.33 28.60
C VAL B 384 30.77 -26.73 29.08
N ALA B 385 31.04 -26.99 30.37
CA ALA B 385 30.80 -28.31 30.94
C ALA B 385 29.32 -28.47 31.12
N ALA B 386 28.84 -29.71 30.96
CA ALA B 386 27.40 -29.97 31.03
C ALA B 386 26.78 -29.50 32.37
N GLY B 387 25.66 -28.80 32.26
CA GLY B 387 24.85 -28.42 33.41
C GLY B 387 25.25 -27.16 34.12
N SER B 388 26.37 -26.58 33.71
CA SER B 388 26.89 -25.37 34.34
C SER B 388 26.20 -24.08 33.90
N ARG B 389 26.28 -23.05 34.73
CA ARG B 389 25.81 -21.72 34.38
C ARG B 389 27.04 -20.93 34.02
N VAL B 390 27.17 -20.57 32.74
CA VAL B 390 28.36 -19.88 32.27
C VAL B 390 27.95 -18.61 31.60
N ALA B 391 28.75 -17.58 31.74
CA ALA B 391 28.47 -16.35 31.01
C ALA B 391 29.64 -16.01 30.08
N ILE B 392 29.33 -15.26 29.04
CA ILE B 392 30.31 -14.83 28.08
C ILE B 392 30.25 -13.32 27.95
N VAL B 393 31.32 -12.66 28.38
CA VAL B 393 31.41 -11.20 28.33
C VAL B 393 32.67 -10.71 27.61
N GLY B 394 32.65 -9.44 27.22
CA GLY B 394 33.80 -8.85 26.57
C GLY B 394 33.48 -7.43 26.16
N PRO B 395 34.52 -6.66 25.79
CA PRO B 395 34.44 -5.30 25.23
C PRO B 395 34.05 -5.31 23.75
N SER B 396 34.07 -4.14 23.10
CA SER B 396 33.44 -3.95 21.78
C SER B 396 33.86 -4.88 20.64
N GLY B 397 35.07 -5.43 20.71
CA GLY B 397 35.51 -6.26 19.61
C GLY B 397 35.59 -7.75 19.91
N ALA B 398 35.08 -8.17 21.05
CA ALA B 398 35.29 -9.54 21.49
C ALA B 398 34.71 -10.55 20.50
N GLY B 399 33.60 -10.19 19.89
CA GLY B 399 32.98 -11.09 18.95
C GLY B 399 31.97 -11.99 19.62
N LYS B 400 31.50 -11.55 20.78
CA LYS B 400 30.61 -12.39 21.56
C LYS B 400 29.24 -12.51 20.90
N SER B 401 28.81 -11.47 20.18
CA SER B 401 27.48 -11.49 19.54
C SER B 401 27.37 -12.50 18.40
N THR B 402 28.44 -13.23 18.15
CA THR B 402 28.44 -14.25 17.13
C THR B 402 28.03 -15.62 17.67
N ILE B 403 28.30 -15.84 18.97
CA ILE B 403 28.16 -17.17 19.57
C ILE B 403 26.78 -17.76 19.33
N ALA B 404 25.75 -17.02 19.71
CA ALA B 404 24.40 -17.52 19.54
C ALA B 404 24.21 -18.00 18.10
N ARG B 405 24.53 -17.14 17.14
CA ARG B 405 24.29 -17.50 15.74
C ARG B 405 25.14 -18.66 15.25
N LEU B 406 26.33 -18.81 15.83
CA LEU B 406 27.17 -19.90 15.41
C LEU B 406 26.65 -21.20 15.95
N LEU B 407 26.09 -21.14 17.16
CA LEU B 407 25.66 -22.34 17.88
C LEU B 407 24.43 -22.95 17.27
N PHE B 408 23.52 -22.11 16.81
CA PHE B 408 22.32 -22.56 16.08
C PHE B 408 22.65 -22.87 14.63
N ARG B 409 23.92 -22.67 14.26
CA ARG B 409 24.39 -22.85 12.89
C ARG B 409 23.61 -22.06 11.86
N PHE B 410 23.43 -20.77 12.12
CA PHE B 410 23.01 -19.87 11.08
C PHE B 410 24.16 -19.71 10.10
N TYR B 411 25.38 -19.95 10.60
CA TYR B 411 26.58 -19.89 9.81
C TYR B 411 27.58 -20.99 10.18
N ASP B 412 28.48 -21.37 9.27
CA ASP B 412 29.56 -22.28 9.65
C ASP B 412 30.83 -21.46 9.86
N PRO B 413 31.75 -21.95 10.70
CA PRO B 413 33.06 -21.32 10.85
C PRO B 413 33.94 -21.39 9.57
N TRP B 414 34.72 -20.34 9.34
CA TRP B 414 35.72 -20.32 8.28
C TRP B 414 36.74 -21.39 8.53
N GLU B 415 37.11 -21.50 9.80
CA GLU B 415 38.03 -22.50 10.27
C GLU B 415 37.59 -22.97 11.66
N GLY B 416 37.94 -24.19 12.03
CA GLY B 416 37.61 -24.69 13.34
C GLY B 416 36.20 -25.22 13.46
N ARG B 417 35.80 -25.59 14.68
CA ARG B 417 34.51 -26.24 14.84
C ARG B 417 33.83 -26.00 16.18
N ILE B 418 32.56 -26.37 16.21
CA ILE B 418 31.72 -26.35 17.36
C ILE B 418 31.24 -27.76 17.59
N LEU B 419 31.32 -28.25 18.83
CA LEU B 419 30.82 -29.56 19.17
C LEU B 419 29.74 -29.37 20.18
N ILE B 420 28.73 -30.22 20.14
CA ILE B 420 27.80 -30.38 21.27
C ILE B 420 27.84 -31.85 21.61
N ASP B 421 27.85 -32.15 22.91
CA ASP B 421 28.24 -33.45 23.41
C ASP B 421 29.56 -33.67 22.74
N GLY B 422 29.79 -34.80 22.10
CA GLY B 422 31.12 -34.91 21.53
C GLY B 422 31.13 -34.71 20.05
N GLN B 423 30.02 -34.17 19.53
CA GLN B 423 29.68 -34.21 18.10
C GLN B 423 29.76 -32.86 17.40
N ASP B 424 30.46 -32.84 16.26
CA ASP B 424 30.58 -31.66 15.40
C ASP B 424 29.21 -31.26 14.89
N ILE B 425 28.74 -30.07 15.23
CA ILE B 425 27.39 -29.70 14.84
C ILE B 425 27.23 -29.45 13.33
N ALA B 426 28.36 -29.37 12.63
CA ALA B 426 28.35 -29.19 11.18
C ALA B 426 28.21 -30.51 10.44
N HIS B 427 28.21 -31.61 11.20
CA HIS B 427 28.10 -32.96 10.61
C HIS B 427 26.83 -33.70 11.01
N VAL B 428 25.92 -32.98 11.68
CA VAL B 428 24.60 -33.51 12.05
C VAL B 428 23.42 -32.76 11.36
N THR B 429 22.23 -33.34 11.44
CA THR B 429 21.06 -32.70 10.84
C THR B 429 20.69 -31.43 11.61
N GLN B 430 20.47 -30.33 10.90
CA GLN B 430 20.14 -29.06 11.54
C GLN B 430 18.95 -29.15 12.50
N THR B 431 17.94 -29.94 12.16
CA THR B 431 16.78 -29.94 13.03
C THR B 431 17.11 -30.57 14.38
N SER B 432 17.91 -31.64 14.40
CA SER B 432 18.24 -32.29 15.69
C SER B 432 19.12 -31.37 16.51
N LEU B 433 20.08 -30.72 15.85
CA LEU B 433 20.90 -29.69 16.47
C LEU B 433 20.03 -28.62 17.14
N ARG B 434 19.07 -28.05 16.43
CA ARG B 434 18.35 -26.94 17.00
C ARG B 434 17.34 -27.37 18.02
N ALA B 435 16.94 -28.63 17.96
CA ALA B 435 16.03 -29.21 18.96
C ALA B 435 16.69 -29.26 20.35
N ALA B 436 18.02 -29.34 20.36
CA ALA B 436 18.78 -29.35 21.58
C ALA B 436 19.03 -27.97 22.11
N LEU B 437 18.57 -26.93 21.43
CA LEU B 437 18.93 -25.57 21.87
C LEU B 437 17.76 -24.69 22.14
N GLY B 438 17.76 -24.03 23.29
CA GLY B 438 16.77 -23.01 23.57
C GLY B 438 17.43 -21.65 23.57
N ILE B 439 16.67 -20.60 23.28
CA ILE B 439 17.24 -19.25 23.20
C ILE B 439 16.26 -18.17 23.65
N VAL B 440 16.73 -17.28 24.49
CA VAL B 440 15.98 -16.06 24.79
C VAL B 440 16.78 -14.88 24.24
N PRO B 441 16.32 -14.35 23.08
CA PRO B 441 17.01 -13.28 22.38
C PRO B 441 16.73 -11.95 23.01
N GLN B 442 17.47 -10.94 22.58
CA GLN B 442 17.32 -9.62 23.14
C GLN B 442 15.96 -9.01 22.86
N ASP B 443 15.57 -8.97 21.58
CA ASP B 443 14.26 -8.46 21.17
C ASP B 443 13.38 -9.66 20.90
N SER B 444 12.48 -9.99 21.82
CA SER B 444 11.67 -11.17 21.63
C SER B 444 10.54 -10.73 20.74
N VAL B 445 10.21 -11.53 19.75
CA VAL B 445 9.20 -11.09 18.81
C VAL B 445 7.93 -11.89 19.03
N LEU B 446 6.80 -11.24 18.87
CA LEU B 446 5.55 -11.95 19.02
C LEU B 446 4.85 -12.04 17.67
N PHE B 447 4.32 -13.22 17.38
CA PHE B 447 3.53 -13.43 16.19
C PHE B 447 2.18 -12.78 16.38
N ASN B 448 1.55 -12.40 15.28
CA ASN B 448 0.23 -11.82 15.31
C ASN B 448 -0.84 -12.89 15.49
N ASP B 449 -1.05 -13.24 16.76
CA ASP B 449 -1.88 -14.36 17.15
C ASP B 449 -2.13 -14.32 18.65
N THR B 450 -2.62 -15.41 19.23
CA THR B 450 -2.88 -15.43 20.67
C THR B 450 -1.63 -15.74 21.47
N ILE B 451 -1.63 -15.36 22.74
CA ILE B 451 -0.54 -15.63 23.66
C ILE B 451 -0.33 -17.14 23.75
N GLY B 452 -1.43 -17.86 23.63
CA GLY B 452 -1.35 -19.30 23.64
C GLY B 452 -0.56 -19.83 22.48
N TYR B 453 -0.82 -19.29 21.27
CA TYR B 453 -0.09 -19.72 20.07
C TYR B 453 1.38 -19.38 20.20
N ASN B 454 1.67 -18.17 20.68
CA ASN B 454 3.05 -17.74 20.87
C ASN B 454 3.82 -18.64 21.83
N ILE B 455 3.22 -19.05 22.93
CA ILE B 455 3.97 -19.93 23.82
C ILE B 455 4.04 -21.35 23.26
N ALA B 456 2.92 -21.79 22.69
CA ALA B 456 2.82 -23.17 22.20
C ALA B 456 3.76 -23.38 21.04
N TYR B 457 4.20 -22.28 20.44
CA TYR B 457 5.13 -22.28 19.31
C TYR B 457 6.40 -23.08 19.62
N GLY B 458 6.78 -23.15 20.91
CA GLY B 458 8.03 -23.75 21.30
C GLY B 458 8.23 -25.20 20.92
N ARG B 459 7.13 -25.96 20.82
CA ARG B 459 7.17 -27.34 20.33
C ARG B 459 5.90 -27.61 19.49
N ASP B 460 6.02 -28.46 18.47
CA ASP B 460 4.97 -28.65 17.49
C ASP B 460 3.59 -28.96 18.06
N GLY B 461 3.49 -30.02 18.85
CA GLY B 461 2.19 -30.41 19.34
C GLY B 461 1.87 -30.02 20.76
N ALA B 462 2.39 -28.87 21.18
CA ALA B 462 2.35 -28.46 22.58
C ALA B 462 0.91 -28.38 23.13
N SER B 463 0.65 -29.07 24.24
CA SER B 463 -0.68 -29.10 24.81
C SER B 463 -0.98 -27.85 25.62
N ARG B 464 -2.24 -27.57 25.91
CA ARG B 464 -2.57 -26.42 26.75
C ARG B 464 -2.03 -26.67 28.15
N ALA B 465 -1.83 -27.93 28.50
CA ALA B 465 -1.25 -28.26 29.80
C ALA B 465 0.19 -27.79 29.85
N GLU B 466 0.91 -28.05 28.75
CA GLU B 466 2.30 -27.64 28.60
C GLU B 466 2.44 -26.13 28.57
N VAL B 467 1.51 -25.47 27.89
CA VAL B 467 1.49 -24.02 27.84
C VAL B 467 1.37 -23.53 29.28
N ASP B 468 0.41 -24.08 30.03
CA ASP B 468 0.25 -23.70 31.45
C ASP B 468 1.51 -23.90 32.25
N ALA B 469 2.09 -25.08 32.12
CA ALA B 469 3.25 -25.42 32.91
C ALA B 469 4.39 -24.45 32.63
N ALA B 470 4.64 -24.19 31.36
CA ALA B 470 5.73 -23.31 30.99
C ALA B 470 5.49 -21.88 31.42
N ALA B 471 4.29 -21.35 31.16
CA ALA B 471 3.92 -19.99 31.56
C ALA B 471 4.05 -19.81 33.07
N LYS B 472 3.76 -20.89 33.79
CA LYS B 472 3.95 -20.89 35.22
C LYS B 472 5.46 -20.77 35.48
N GLY B 473 6.24 -21.64 34.83
CA GLY B 473 7.68 -21.65 35.03
C GLY B 473 8.38 -20.34 34.70
N ALA B 474 7.75 -19.53 33.85
CA ALA B 474 8.29 -18.24 33.48
C ALA B 474 7.68 -17.11 34.28
N ALA B 475 6.72 -17.47 35.13
CA ALA B 475 6.03 -16.52 35.99
C ALA B 475 5.30 -15.45 35.21
N ILE B 476 4.56 -15.85 34.19
CA ILE B 476 3.69 -14.91 33.49
C ILE B 476 2.26 -15.42 33.54
N ALA B 477 2.07 -16.55 34.22
CA ALA B 477 0.76 -17.20 34.30
C ALA B 477 -0.30 -16.32 34.95
N ASP B 478 0.10 -15.67 36.05
CA ASP B 478 -0.81 -14.82 36.81
C ASP B 478 -1.25 -13.64 35.96
N PHE B 479 -0.32 -13.08 35.20
CA PHE B 479 -0.65 -11.98 34.30
C PHE B 479 -1.70 -12.43 33.28
N ILE B 480 -1.53 -13.65 32.77
CA ILE B 480 -2.44 -14.16 31.75
C ILE B 480 -3.81 -14.37 32.38
N ALA B 481 -3.83 -14.77 33.66
CA ALA B 481 -5.06 -15.03 34.38
C ALA B 481 -5.98 -13.81 34.40
N ARG B 482 -5.39 -12.64 34.63
CA ARG B 482 -6.14 -11.41 34.74
C ARG B 482 -6.61 -10.89 33.38
N LEU B 483 -6.26 -11.58 32.31
CA LEU B 483 -6.80 -11.22 31.00
C LEU B 483 -8.21 -11.81 30.80
N PRO B 484 -9.10 -11.04 30.18
CA PRO B 484 -10.47 -11.52 29.89
C PRO B 484 -10.44 -12.84 29.15
N GLN B 485 -9.70 -12.90 28.05
CA GLN B 485 -9.69 -14.09 27.23
C GLN B 485 -8.54 -15.03 27.60
N GLY B 486 -7.73 -14.62 28.59
CA GLY B 486 -6.61 -15.40 29.07
C GLY B 486 -5.66 -15.75 27.94
N TYR B 487 -5.40 -17.05 27.77
CA TYR B 487 -4.54 -17.54 26.71
C TYR B 487 -5.10 -17.31 25.31
N ASP B 488 -6.39 -17.00 25.18
CA ASP B 488 -6.94 -16.76 23.85
C ASP B 488 -6.85 -15.27 23.51
N THR B 489 -6.10 -14.53 24.31
CA THR B 489 -5.88 -13.10 24.07
C THR B 489 -5.03 -12.85 22.83
N GLU B 490 -5.53 -12.08 21.88
CA GLU B 490 -4.70 -11.74 20.73
C GLU B 490 -3.58 -10.76 21.10
N VAL B 491 -2.36 -11.06 20.68
CA VAL B 491 -1.25 -10.14 20.90
C VAL B 491 -0.53 -9.82 19.58
N GLY B 492 0.46 -8.93 19.66
CA GLY B 492 1.10 -8.38 18.46
C GLY B 492 0.32 -7.11 18.13
N GLU B 493 0.32 -6.72 16.86
CA GLU B 493 -0.62 -5.71 16.39
C GLU B 493 -1.46 -6.36 15.30
N ARG B 494 -2.73 -5.99 15.17
CA ARG B 494 -3.43 -5.12 16.10
C ARG B 494 -3.95 -5.92 17.28
N GLY B 495 -3.12 -6.11 18.29
CA GLY B 495 -3.52 -6.87 19.46
C GLY B 495 -3.00 -6.20 20.71
N LEU B 496 -3.21 -6.83 21.85
CA LEU B 496 -2.78 -6.25 23.11
C LEU B 496 -1.27 -6.02 23.08
N LYS B 497 -0.86 -4.81 23.46
CA LYS B 497 0.56 -4.49 23.52
C LYS B 497 1.13 -4.97 24.85
N LEU B 498 2.18 -5.77 24.79
CA LEU B 498 2.81 -6.28 26.00
C LEU B 498 4.04 -5.47 26.41
N SER B 499 4.30 -5.41 27.71
CA SER B 499 5.50 -4.76 28.22
C SER B 499 6.74 -5.60 27.89
N GLY B 500 7.91 -5.03 28.12
CA GLY B 500 9.15 -5.74 27.84
C GLY B 500 9.33 -6.99 28.67
N GLY B 501 9.13 -6.87 29.98
CA GLY B 501 9.20 -8.02 30.86
C GLY B 501 8.21 -9.10 30.44
N GLU B 502 7.02 -8.67 30.06
CA GLU B 502 6.00 -9.59 29.59
C GLU B 502 6.45 -10.31 28.32
N LYS B 503 6.94 -9.58 27.31
CA LYS B 503 7.47 -10.21 26.09
C LYS B 503 8.59 -11.23 26.38
N GLN B 504 9.52 -10.84 27.26
CA GLN B 504 10.62 -11.74 27.60
C GLN B 504 10.12 -12.94 28.37
N ARG B 505 9.05 -12.78 29.12
CA ARG B 505 8.49 -13.92 29.81
C ARG B 505 7.76 -14.86 28.84
N VAL B 506 7.04 -14.32 27.87
CA VAL B 506 6.44 -15.14 26.83
C VAL B 506 7.54 -15.94 26.13
N ALA B 507 8.64 -15.25 25.82
CA ALA B 507 9.80 -15.89 25.20
C ALA B 507 10.38 -17.01 26.06
N ILE B 508 10.63 -16.72 27.33
CA ILE B 508 11.12 -17.74 28.24
C ILE B 508 10.19 -18.93 28.22
N ALA B 509 8.88 -18.65 28.28
CA ALA B 509 7.84 -19.67 28.33
C ALA B 509 7.93 -20.60 27.13
N ARG B 510 8.07 -19.98 25.96
CA ARG B 510 8.27 -20.67 24.69
C ARG B 510 9.40 -21.68 24.78
N THR B 511 10.56 -21.15 25.15
CA THR B 511 11.74 -22.00 25.25
C THR B 511 11.54 -23.10 26.32
N LEU B 512 10.73 -22.80 27.33
CA LEU B 512 10.37 -23.79 28.34
C LEU B 512 9.54 -24.92 27.73
N VAL B 513 8.58 -24.57 26.88
CA VAL B 513 7.77 -25.58 26.23
C VAL B 513 8.66 -26.53 25.44
N LYS B 514 9.70 -25.96 24.82
CA LYS B 514 10.64 -26.79 24.06
C LYS B 514 11.39 -27.78 24.94
N ASN B 515 11.65 -27.36 26.16
CA ASN B 515 12.43 -28.10 27.17
C ASN B 515 13.78 -28.65 26.68
N PRO B 516 14.68 -27.74 26.28
CA PRO B 516 15.99 -28.11 25.75
C PRO B 516 17.06 -28.27 26.81
N PRO B 517 18.07 -29.12 26.54
CA PRO B 517 19.18 -29.35 27.46
C PRO B 517 20.16 -28.21 27.48
N ILE B 518 20.11 -27.34 26.49
CA ILE B 518 21.03 -26.21 26.44
C ILE B 518 20.26 -24.94 26.22
N LEU B 519 20.50 -23.96 27.07
CA LEU B 519 19.71 -22.74 27.01
C LEU B 519 20.61 -21.52 26.87
N LEU B 520 20.27 -20.62 25.95
CA LEU B 520 21.06 -19.41 25.73
C LEU B 520 20.32 -18.14 26.08
N PHE B 521 20.88 -17.34 26.97
CA PHE B 521 20.32 -16.02 27.11
C PHE B 521 21.24 -15.02 26.41
N ASP B 522 20.75 -14.50 25.28
CA ASP B 522 21.57 -13.73 24.34
C ASP B 522 21.19 -12.27 24.51
N GLU B 523 21.87 -11.62 25.45
CA GLU B 523 21.57 -10.24 25.82
C GLU B 523 20.11 -10.12 26.18
N ALA B 524 19.63 -11.08 27.00
CA ALA B 524 18.19 -11.25 27.24
C ALA B 524 17.57 -10.05 27.92
N THR B 525 18.36 -9.38 28.75
CA THR B 525 17.81 -8.32 29.57
C THR B 525 18.24 -6.91 29.09
N SER B 526 18.93 -6.85 27.94
CA SER B 526 19.50 -5.60 27.39
C SER B 526 18.51 -4.56 26.87
N ALA B 527 17.24 -4.93 26.78
CA ALA B 527 16.22 -4.01 26.28
C ALA B 527 15.32 -3.50 27.39
N LEU B 528 15.60 -3.96 28.62
CA LEU B 528 14.70 -3.76 29.75
C LEU B 528 15.17 -2.69 30.71
N ASP B 529 14.23 -2.14 31.48
CA ASP B 529 14.55 -1.23 32.58
C ASP B 529 15.11 -2.01 33.78
N THR B 530 15.69 -1.29 34.73
CA THR B 530 16.44 -1.90 35.83
C THR B 530 15.62 -2.85 36.70
N ARG B 531 14.47 -2.38 37.17
CA ARG B 531 13.64 -3.18 38.06
C ARG B 531 13.16 -4.43 37.33
N THR B 532 12.75 -4.25 36.06
CA THR B 532 12.31 -5.34 35.20
C THR B 532 13.40 -6.38 35.04
N GLU B 533 14.63 -5.90 34.83
CA GLU B 533 15.79 -6.76 34.69
C GLU B 533 15.96 -7.59 35.93
N GLN B 534 15.97 -6.93 37.09
CA GLN B 534 16.15 -7.61 38.37
C GLN B 534 15.07 -8.65 38.62
N ASP B 535 13.84 -8.30 38.23
CA ASP B 535 12.69 -9.19 38.36
C ASP B 535 12.93 -10.47 37.57
N ILE B 536 13.15 -10.29 36.27
CA ILE B 536 13.18 -11.42 35.36
C ILE B 536 14.45 -12.27 35.54
N LEU B 537 15.51 -11.68 36.09
CA LEU B 537 16.75 -12.41 36.31
C LEU B 537 16.62 -13.63 37.23
N SER B 538 15.77 -13.52 38.24
CA SER B 538 15.55 -14.64 39.15
C SER B 538 14.77 -15.76 38.46
N THR B 539 13.81 -15.38 37.60
CA THR B 539 13.08 -16.35 36.79
C THR B 539 14.09 -17.06 35.90
N MSE B 540 14.94 -16.27 35.25
CA MSE B 540 15.97 -16.79 34.36
C MSE B 540 16.94 -17.70 35.09
O MSE B 540 17.50 -18.61 34.49
CB MSE B 540 16.74 -15.65 33.67
CG MSE B 540 15.97 -14.96 32.57
SE MSE B 540 16.88 -13.34 31.98
CE MSE B 540 18.70 -14.08 32.07
N ARG B 541 17.16 -17.42 36.38
CA ARG B 541 18.07 -18.24 37.19
C ARG B 541 17.40 -19.56 37.55
N ALA B 542 16.11 -19.48 37.84
CA ALA B 542 15.31 -20.65 38.19
C ALA B 542 15.18 -21.59 37.01
N VAL B 543 14.97 -21.01 35.83
CA VAL B 543 14.74 -21.77 34.61
C VAL B 543 16.01 -22.49 34.19
N ALA B 544 17.16 -22.02 34.68
CA ALA B 544 18.41 -22.61 34.24
C ALA B 544 18.67 -23.95 34.92
N SER B 545 17.66 -24.43 35.64
CA SER B 545 17.80 -25.51 36.62
C SER B 545 18.58 -26.73 36.17
N HIS B 546 18.08 -27.56 35.27
CA HIS B 546 18.92 -28.72 34.99
C HIS B 546 19.42 -28.66 33.56
N ARG B 547 19.71 -27.44 33.11
CA ARG B 547 20.19 -27.24 31.76
C ARG B 547 21.59 -26.69 31.79
N THR B 548 22.31 -26.82 30.66
CA THR B 548 23.54 -26.10 30.40
C THR B 548 23.15 -24.67 30.06
N THR B 549 23.71 -23.67 30.70
CA THR B 549 23.25 -22.32 30.34
C THR B 549 24.38 -21.36 29.94
N ILE B 550 24.18 -20.64 28.84
CA ILE B 550 25.17 -19.68 28.38
C ILE B 550 24.50 -18.33 28.30
N SER B 551 24.94 -17.39 29.13
CA SER B 551 24.34 -16.06 29.13
C SER B 551 25.33 -15.07 28.57
N ILE B 552 24.92 -14.33 27.56
CA ILE B 552 25.79 -13.37 26.94
C ILE B 552 25.29 -12.01 27.34
N ALA B 553 26.07 -11.28 28.12
CA ALA B 553 25.54 -10.04 28.69
C ALA B 553 26.50 -8.90 28.59
N HIS B 554 25.97 -7.71 28.36
CA HIS B 554 26.77 -6.50 28.33
C HIS B 554 27.02 -6.02 29.74
N ARG B 555 26.00 -6.05 30.58
CA ARG B 555 26.15 -5.55 31.94
C ARG B 555 26.66 -6.66 32.87
N LEU B 556 27.89 -6.49 33.33
CA LEU B 556 28.56 -7.54 34.07
C LEU B 556 27.84 -7.92 35.35
N SER B 557 27.24 -6.96 36.03
CA SER B 557 26.63 -7.22 37.33
C SER B 557 25.62 -8.37 37.24
N THR B 558 24.89 -8.43 36.12
CA THR B 558 23.82 -9.40 35.90
C THR B 558 24.31 -10.82 35.66
N ILE B 559 25.62 -11.05 35.63
CA ILE B 559 26.12 -12.40 35.43
C ILE B 559 27.18 -12.80 36.46
N ALA B 560 27.32 -12.00 37.52
CA ALA B 560 28.39 -12.20 38.51
C ALA B 560 28.33 -13.55 39.20
N ASP B 561 27.11 -14.06 39.38
CA ASP B 561 26.86 -15.33 40.09
C ASP B 561 26.99 -16.56 39.23
N SER B 562 27.63 -16.42 38.08
CA SER B 562 27.80 -17.56 37.20
C SER B 562 28.83 -18.51 37.78
N ASP B 563 28.74 -19.78 37.43
CA ASP B 563 29.70 -20.78 37.87
C ASP B 563 31.10 -20.46 37.38
N THR B 564 31.16 -19.97 36.16
CA THR B 564 32.43 -19.55 35.64
C THR B 564 32.12 -18.51 34.58
N ILE B 565 33.05 -17.59 34.33
CA ILE B 565 32.81 -16.55 33.35
C ILE B 565 33.87 -16.58 32.25
N LEU B 566 33.42 -16.50 30.99
CA LEU B 566 34.32 -16.45 29.83
C LEU B 566 34.50 -15.03 29.34
N VAL B 567 35.76 -14.55 29.37
CA VAL B 567 36.05 -13.18 28.95
C VAL B 567 36.74 -13.15 27.60
N LEU B 568 36.07 -12.59 26.58
CA LEU B 568 36.63 -12.55 25.23
C LEU B 568 37.25 -11.20 24.90
N ASP B 569 38.37 -11.23 24.21
CA ASP B 569 39.02 -10.02 23.73
C ASP B 569 39.60 -10.27 22.32
N GLN B 570 39.27 -9.34 21.41
CA GLN B 570 39.72 -9.40 20.01
C GLN B 570 39.49 -10.79 19.45
N GLY B 571 38.27 -11.29 19.55
CA GLY B 571 37.91 -12.59 19.01
C GLY B 571 38.56 -13.82 19.62
N ARG B 572 39.20 -13.68 20.79
CA ARG B 572 39.80 -14.85 21.45
C ARG B 572 39.49 -14.90 22.94
N LEU B 573 39.77 -16.03 23.58
CA LEU B 573 39.53 -16.14 25.03
C LEU B 573 40.69 -15.60 25.84
N ALA B 574 40.48 -14.44 26.44
CA ALA B 574 41.54 -13.79 27.18
C ALA B 574 41.62 -14.34 28.61
N GLU B 575 40.50 -14.27 29.34
CA GLU B 575 40.43 -14.69 30.75
C GLU B 575 39.25 -15.62 31.01
N GLN B 576 39.37 -16.47 32.04
CA GLN B 576 38.30 -17.41 32.38
C GLN B 576 38.28 -17.67 33.89
N GLY B 577 37.11 -17.60 34.53
CA GLY B 577 37.00 -18.00 35.91
C GLY B 577 35.85 -17.37 36.64
N SER B 578 35.76 -17.61 37.95
CA SER B 578 34.66 -17.11 38.79
C SER B 578 34.76 -15.61 38.96
N HIS B 579 33.64 -14.97 39.31
CA HIS B 579 33.61 -13.51 39.45
C HIS B 579 34.73 -12.99 40.37
N LEU B 580 34.91 -13.69 41.49
CA LEU B 580 35.92 -13.30 42.45
C LEU B 580 37.33 -13.54 41.91
N ASP B 581 37.56 -14.72 41.33
CA ASP B 581 38.87 -15.04 40.74
C ASP B 581 39.28 -13.96 39.74
N LEU B 582 38.30 -13.54 38.96
CA LEU B 582 38.56 -12.58 37.92
C LEU B 582 38.86 -11.21 38.51
N LEU B 583 38.12 -10.77 39.53
CA LEU B 583 38.44 -9.46 40.12
C LEU B 583 39.84 -9.50 40.75
N ARG B 584 40.21 -10.70 41.21
CA ARG B 584 41.46 -10.98 41.88
C ARG B 584 42.68 -11.00 40.96
N ARG B 585 42.49 -11.40 39.71
CA ARG B 585 43.56 -11.37 38.70
C ARG B 585 43.91 -9.93 38.28
N ASP B 586 43.04 -8.98 38.63
CA ASP B 586 43.22 -7.58 38.29
C ASP B 586 43.40 -7.34 36.77
N GLY B 587 42.75 -8.17 35.97
CA GLY B 587 42.89 -8.10 34.52
C GLY B 587 41.78 -7.37 33.80
N LEU B 588 41.43 -7.89 32.62
CA LEU B 588 40.45 -7.24 31.75
C LEU B 588 39.07 -7.20 32.39
N TYR B 589 38.64 -8.33 32.94
CA TYR B 589 37.32 -8.39 33.55
C TYR B 589 37.25 -7.37 34.67
N ALA B 590 38.32 -7.32 35.45
CA ALA B 590 38.38 -6.39 36.55
C ALA B 590 38.19 -4.96 36.03
N GLU B 591 38.96 -4.58 35.02
CA GLU B 591 38.89 -3.23 34.50
C GLU B 591 37.46 -2.89 34.14
N MSE B 592 36.88 -3.70 33.26
CA MSE B 592 35.48 -3.57 32.85
C MSE B 592 34.57 -3.34 34.03
O MSE B 592 33.79 -2.38 34.04
CB MSE B 592 35.02 -4.81 32.11
CG MSE B 592 35.83 -5.17 30.89
SE MSE B 592 35.00 -6.61 29.89
CE MSE B 592 33.55 -5.54 29.10
N TRP B 593 34.69 -4.23 35.01
CA TRP B 593 33.84 -4.20 36.20
C TRP B 593 33.90 -2.81 36.81
N ALA B 594 35.13 -2.38 37.11
CA ALA B 594 35.34 -1.08 37.74
C ALA B 594 34.64 -0.04 36.90
N ARG B 595 34.89 -0.05 35.59
CA ARG B 595 34.40 0.99 34.71
C ARG B 595 32.89 1.03 34.84
N GLN B 596 32.26 -0.15 34.74
CA GLN B 596 30.81 -0.19 34.77
C GLN B 596 30.29 0.35 36.09
N ALA B 597 30.91 -0.07 37.20
CA ALA B 597 30.51 0.40 38.52
C ALA B 597 30.56 1.92 38.52
N ALA B 598 31.66 2.47 38.02
CA ALA B 598 31.87 3.91 38.03
C ALA B 598 30.71 4.62 37.34
N GLU B 599 30.31 4.09 36.18
CA GLU B 599 29.24 4.74 35.42
C GLU B 599 27.96 4.78 36.25
N SER B 600 27.66 3.66 36.92
CA SER B 600 26.43 3.59 37.70
C SER B 600 26.44 4.70 38.76
N ALA B 601 27.64 5.04 39.24
CA ALA B 601 27.78 6.11 40.22
C ALA B 601 27.42 7.47 39.60
N GLU B 602 27.97 7.77 38.42
CA GLU B 602 27.79 9.10 37.82
C GLU B 602 26.33 9.45 37.59
N VAL B 603 25.59 8.52 37.01
CA VAL B 603 24.15 8.68 36.75
C VAL B 603 23.40 8.90 38.06
N SER B 604 23.87 8.25 39.14
CA SER B 604 23.26 8.42 40.47
C SER B 604 23.61 9.79 41.07
N GLU B 605 24.75 10.33 40.67
CA GLU B 605 25.22 11.62 41.17
C GLU B 605 24.29 12.73 40.64
N ALA B 606 23.89 12.59 39.38
CA ALA B 606 23.02 13.54 38.73
C ALA B 606 21.58 13.41 39.27
N1 LDA C . -14.49 5.55 2.90
O1 LDA C . -14.38 5.85 4.17
CM1 LDA C . -14.14 4.17 2.69
CM2 LDA C . -15.84 5.76 2.47
C1 LDA C . -13.58 6.41 2.12
C2 LDA C . -13.10 7.71 2.79
C3 LDA C . -12.31 8.67 1.94
C4 LDA C . -11.81 8.13 0.63
C5 LDA C . -10.46 8.61 0.16
C6 LDA C . -10.33 10.03 -0.37
C7 LDA C . -10.14 10.20 -1.89
C8 LDA C . -8.99 11.11 -2.34
C9 LDA C . -9.40 12.43 -3.00
C10 LDA C . -9.02 12.65 -4.46
C11 LDA C . -9.84 13.70 -5.19
C12 LDA C . -10.52 14.69 -4.29
N1 LDA D . -1.19 -14.38 -2.48
O1 LDA D . -1.62 -13.26 -2.96
CM1 LDA D . -0.80 -15.22 -3.57
CM2 LDA D . -2.27 -15.05 -1.80
C1 LDA D . -0.02 -14.09 -1.59
C2 LDA D . 1.35 -14.57 -2.06
C3 LDA D . 2.55 -14.47 -1.15
C4 LDA D . 3.41 -15.73 -1.12
C5 LDA D . 4.85 -15.67 -0.66
C6 LDA D . 5.94 -15.44 -1.72
C7 LDA D . 7.05 -14.46 -1.30
C8 LDA D . 8.28 -14.21 -2.17
C9 LDA D . 8.69 -12.74 -2.32
C10 LDA D . 10.00 -12.23 -1.76
C11 LDA D . 10.47 -10.88 -2.27
C12 LDA D . 11.75 -10.25 -1.76
N MSE E . -19.01 -7.68 -19.46
CA MSE E . -18.60 -7.63 -18.03
C MSE E . -19.35 -6.51 -17.27
O MSE E . -20.25 -5.81 -17.81
OXT MSE E . -19.07 -6.31 -16.07
CB MSE E . -17.05 -7.44 -17.86
CG MSE E . -16.39 -6.59 -18.94
SE MSE E . -14.44 -6.02 -18.37
CE MSE E . -14.14 -5.12 -20.22
P PO4 F . -4.13 26.72 -10.35
O1 PO4 F . -3.55 25.44 -9.82
O2 PO4 F . -5.30 26.41 -11.28
O3 PO4 F . -4.63 27.55 -9.18
O4 PO4 F . -3.06 27.47 -11.10
P PO4 G . -2.70 16.38 34.34
O1 PO4 G . -1.64 16.91 35.28
O2 PO4 G . -2.35 14.98 33.89
O3 PO4 G . -4.05 16.35 35.05
O4 PO4 G . -2.79 17.29 33.14
P PO4 H . -13.55 -7.23 -13.14
O1 PO4 H . -12.11 -7.00 -12.74
O2 PO4 H . -13.70 -7.06 -14.64
O3 PO4 H . -13.95 -8.62 -12.72
O4 PO4 H . -14.48 -6.24 -12.46
N1 LDA I . -3.15 12.36 -5.15
O1 LDA I . -1.99 12.93 -5.26
CM1 LDA I . -3.03 11.09 -4.48
CM2 LDA I . -3.66 12.18 -6.49
C1 LDA I . -4.09 13.23 -4.40
C2 LDA I . -4.27 12.99 -2.89
C3 LDA I . -5.22 13.87 -2.11
C4 LDA I . -4.84 14.17 -0.66
C5 LDA I . -5.39 15.44 -0.02
C6 LDA I . -6.72 15.30 0.76
C7 LDA I . -6.74 14.40 2.02
C8 LDA I . -8.11 14.06 2.65
C9 LDA I . -8.45 12.60 2.92
C10 LDA I . -8.78 12.20 4.36
C11 LDA I . -9.62 10.94 4.61
C12 LDA I . -9.18 10.00 5.71
N1 LDA J . 10.82 -7.22 -8.02
O1 LDA J . 9.99 -6.34 -7.51
CM1 LDA J . 12.09 -7.16 -7.35
CM2 LDA J . 10.98 -6.92 -9.43
C1 LDA J . 10.24 -8.57 -7.86
C2 LDA J . 9.10 -8.82 -6.86
C3 LDA J . 8.33 -10.10 -7.08
C4 LDA J . 7.22 -10.54 -6.14
C5 LDA J . 6.27 -11.53 -6.78
C6 LDA J . 5.42 -12.55 -5.98
C7 LDA J . 4.82 -13.69 -6.82
C8 LDA J . 4.02 -14.83 -6.20
C9 LDA J . 3.01 -15.57 -7.07
C10 LDA J . 1.74 -16.09 -6.41
C11 LDA J . 0.40 -15.59 -6.94
C12 LDA J . -0.85 -16.43 -6.71
N MSE K . -5.39 0.39 -27.29
CA MSE K . -4.99 0.33 -25.86
C MSE K . -3.60 -0.36 -25.81
O MSE K . -3.31 -1.30 -26.60
OXT MSE K . -2.76 -0.01 -24.97
CB MSE K . -6.04 -0.41 -25.00
CG MSE K . -6.87 0.49 -24.05
SE MSE K . -8.07 -0.80 -22.87
CE MSE K . -8.95 0.56 -21.62
P PO4 L . 30.53 -7.60 19.38
O1 PO4 L . 31.38 -8.05 20.54
O2 PO4 L . 29.86 -8.79 18.77
O3 PO4 L . 29.46 -6.65 19.90
O4 PO4 L . 31.38 -6.89 18.34
P PO4 M . -1.99 -29.13 -2.22
O1 PO4 M . -1.11 -30.06 -1.42
O2 PO4 M . -1.80 -29.42 -3.69
O3 PO4 M . -3.44 -29.33 -1.87
O4 PO4 M . -1.60 -27.70 -1.95
P PO4 N . -4.17 2.13 -18.91
O1 PO4 N . -3.19 1.16 -18.29
O2 PO4 N . -4.29 1.80 -20.38
O3 PO4 N . -5.51 2.00 -18.23
O4 PO4 N . -3.66 3.54 -18.75
#